data_3BJD
#
_entry.id   3BJD
#
_cell.length_a   97.566
_cell.length_b   156.904
_cell.length_c   136.022
_cell.angle_alpha   90.000
_cell.angle_beta   90.000
_cell.angle_gamma   90.000
#
_symmetry.space_group_name_H-M   'C 2 2 21'
#
loop_
_entity.id
_entity.type
_entity.pdbx_description
1 polymer 'Putative 3-oxoacyl-(acyl-carrier-protein) synthase'
2 non-polymer 'NICKEL (II) ION'
3 non-polymer 1,2-ETHANEDIOL
4 water water
#
_entity_poly.entity_id   1
_entity_poly.type   'polypeptide(L)'
_entity_poly.pdbx_seq_one_letter_code
;GH(MSE)NTRNFSLPQLQNLPIEEARIVADALAVHATSRQIDSAASKLAALAEAGLKGDRQAYAAYQQLLYVLSLSDDVA
TAQTRRWLARAIYRVEERF(MSE)PAADLSRALSEEDFQKRLEQEIAAQSRERHP(MSE)SQYVFSGSASRAQLQVFLRH
QWFRTFRLYRDAADLLVNLTDVDEAAALARYLYGELGEEDEKGSHPRLLAKLLEAIGLEADFQAVST(MSE)PEEIAYLN
NRARAFRHAEVGWGLAVFYITELVVPGNHEKLYRALLQAGLSEDQAEYYKVHISLVPPRAKREWQLIARRIPDVQFQNAF
LTSLSQHFRVERAYYDAIWEE(MSE)QSVKGS
;
_entity_poly.pdbx_strand_id   A,B,C
#
loop_
_chem_comp.id
_chem_comp.type
_chem_comp.name
_chem_comp.formula
EDO non-polymer 1,2-ETHANEDIOL 'C2 H6 O2'
NI non-polymer 'NICKEL (II) ION' 'Ni 2'
#
# COMPACT_ATOMS: atom_id res chain seq x y z
N ASN A 4 17.13 8.09 -12.90
CA ASN A 4 17.90 6.94 -12.37
C ASN A 4 17.39 6.49 -10.98
N THR A 5 17.90 5.36 -10.50
CA THR A 5 17.32 4.68 -9.35
C THR A 5 18.33 4.33 -8.28
N ARG A 6 19.51 4.99 -8.27
CA ARG A 6 20.58 4.63 -7.33
CA ARG A 6 20.60 4.68 -7.33
C ARG A 6 20.18 4.81 -5.85
N ASN A 7 19.21 5.70 -5.58
CA ASN A 7 18.74 5.91 -4.20
C ASN A 7 17.32 5.36 -3.97
N PHE A 8 16.91 4.40 -4.80
CA PHE A 8 15.65 3.69 -4.59
C PHE A 8 15.92 2.54 -3.62
N SER A 9 14.87 2.08 -2.92
CA SER A 9 15.06 1.08 -1.87
C SER A 9 15.64 -0.21 -2.41
N LEU A 10 15.09 -0.73 -3.51
CA LEU A 10 15.50 -2.09 -3.93
C LEU A 10 16.97 -2.14 -4.37
N PRO A 11 17.40 -1.23 -5.28
CA PRO A 11 18.86 -1.23 -5.63
C PRO A 11 19.79 -1.10 -4.38
N GLN A 12 19.42 -0.26 -3.43
CA GLN A 12 20.24 -0.11 -2.20
C GLN A 12 20.30 -1.40 -1.37
N LEU A 13 19.17 -2.05 -1.22
CA LEU A 13 19.11 -3.32 -0.47
C LEU A 13 19.87 -4.45 -1.17
N GLN A 14 19.79 -4.52 -2.50
CA GLN A 14 20.53 -5.51 -3.28
C GLN A 14 22.03 -5.34 -3.07
N ASN A 15 22.45 -4.14 -2.72
CA ASN A 15 23.87 -3.83 -2.41
C ASN A 15 24.32 -3.91 -0.95
N LEU A 16 23.44 -4.41 -0.09
CA LEU A 16 23.75 -4.53 1.34
C LEU A 16 23.86 -6.02 1.64
N PRO A 17 25.08 -6.53 1.84
CA PRO A 17 25.32 -7.96 1.96
C PRO A 17 25.04 -8.48 3.41
N ILE A 18 23.81 -8.33 3.86
CA ILE A 18 23.39 -8.82 5.19
C ILE A 18 22.03 -9.46 5.09
N GLU A 19 21.72 -10.33 6.04
CA GLU A 19 20.49 -11.11 5.97
C GLU A 19 19.23 -10.24 5.94
N GLU A 20 19.25 -9.13 6.68
CA GLU A 20 18.05 -8.31 6.82
C GLU A 20 17.65 -7.61 5.51
N ALA A 21 18.61 -7.45 4.61
CA ALA A 21 18.35 -6.81 3.28
C ALA A 21 17.23 -7.55 2.53
N ARG A 22 17.30 -8.89 2.41
CA ARG A 22 16.22 -9.62 1.73
CA ARG A 22 16.25 -9.67 1.76
C ARG A 22 14.94 -9.60 2.53
N ILE A 23 15.04 -9.66 3.86
CA ILE A 23 13.85 -9.62 4.71
C ILE A 23 13.11 -8.28 4.50
N VAL A 24 13.86 -7.18 4.48
CA VAL A 24 13.25 -5.87 4.21
C VAL A 24 12.73 -5.82 2.77
N ALA A 25 13.51 -6.28 1.79
CA ALA A 25 13.05 -6.22 0.39
C ALA A 25 11.71 -7.00 0.25
N ASP A 26 11.62 -8.16 0.88
CA ASP A 26 10.34 -8.94 0.83
C ASP A 26 9.17 -8.16 1.45
N ALA A 27 9.44 -7.43 2.54
CA ALA A 27 8.43 -6.61 3.21
C ALA A 27 7.98 -5.41 2.35
N LEU A 28 8.89 -4.93 1.49
CA LEU A 28 8.58 -3.79 0.60
C LEU A 28 7.96 -4.18 -0.74
N ALA A 29 7.94 -5.47 -1.05
CA ALA A 29 7.39 -5.96 -2.33
C ALA A 29 5.88 -5.63 -2.44
N VAL A 30 5.38 -5.44 -3.66
CA VAL A 30 3.99 -5.05 -3.91
C VAL A 30 2.99 -5.96 -3.15
N HIS A 31 3.24 -7.26 -3.18
CA HIS A 31 2.33 -8.20 -2.49
C HIS A 31 2.84 -8.79 -1.16
N ALA A 32 3.67 -8.02 -0.45
CA ALA A 32 4.16 -8.43 0.86
C ALA A 32 3.00 -8.76 1.76
N THR A 33 3.15 -9.81 2.55
CA THR A 33 2.13 -10.19 3.50
C THR A 33 2.34 -9.47 4.84
N SER A 34 1.31 -9.49 5.68
CA SER A 34 1.43 -8.93 7.03
CA SER A 34 1.41 -8.98 7.05
C SER A 34 2.51 -9.67 7.84
N ARG A 35 2.66 -10.99 7.64
CA ARG A 35 3.72 -11.72 8.34
CA ARG A 35 3.72 -11.73 8.34
C ARG A 35 5.12 -11.26 7.92
N GLN A 36 5.31 -11.02 6.62
CA GLN A 36 6.61 -10.53 6.10
C GLN A 36 6.95 -9.14 6.64
N ILE A 37 5.95 -8.27 6.74
CA ILE A 37 6.16 -6.93 7.31
C ILE A 37 6.48 -7.01 8.80
N ASP A 38 5.70 -7.80 9.54
CA ASP A 38 5.91 -7.97 10.99
C ASP A 38 7.29 -8.59 11.27
N SER A 39 7.69 -9.58 10.46
CA SER A 39 9.01 -10.20 10.60
C SER A 39 10.12 -9.20 10.41
N ALA A 40 9.99 -8.37 9.37
CA ALA A 40 10.96 -7.29 9.13
C ALA A 40 11.01 -6.32 10.31
N ALA A 41 9.84 -5.89 10.80
CA ALA A 41 9.81 -4.93 11.91
C ALA A 41 10.46 -5.53 13.17
N SER A 42 10.18 -6.80 13.47
CA SER A 42 10.70 -7.46 14.67
C SER A 42 12.21 -7.55 14.59
N LYS A 43 12.68 -7.99 13.43
CA LYS A 43 14.08 -8.23 13.23
C LYS A 43 14.87 -6.92 13.18
N LEU A 44 14.30 -5.90 12.57
CA LEU A 44 14.93 -4.56 12.58
C LEU A 44 15.02 -3.99 14.00
N ALA A 45 13.96 -4.17 14.78
CA ALA A 45 13.99 -3.69 16.18
C ALA A 45 15.06 -4.42 17.00
N ALA A 46 15.14 -5.73 16.82
CA ALA A 46 16.15 -6.56 17.51
C ALA A 46 17.55 -6.13 17.11
N LEU A 47 17.73 -5.85 15.81
CA LEU A 47 19.04 -5.43 15.31
C LEU A 47 19.46 -4.07 15.95
N ALA A 48 18.53 -3.11 15.96
CA ALA A 48 18.80 -1.80 16.57
C ALA A 48 19.18 -1.95 18.03
N GLU A 49 18.44 -2.78 18.75
CA GLU A 49 18.71 -3.00 20.19
C GLU A 49 20.13 -3.56 20.38
N ALA A 50 20.52 -4.57 19.61
CA ALA A 50 21.88 -5.09 19.70
C ALA A 50 22.94 -4.05 19.38
N GLY A 51 22.70 -3.23 18.37
CA GLY A 51 23.67 -2.19 17.95
C GLY A 51 23.87 -1.19 19.07
N LEU A 52 22.76 -0.73 19.64
CA LEU A 52 22.76 0.33 20.68
C LEU A 52 23.32 -0.18 22.01
N LYS A 53 23.29 -1.48 22.17
CA LYS A 53 23.95 -2.18 23.28
C LYS A 53 25.46 -2.41 23.08
N GLY A 54 25.99 -2.13 21.90
CA GLY A 54 27.42 -2.21 21.67
C GLY A 54 27.92 -3.18 20.61
N ASP A 55 27.00 -3.88 19.93
CA ASP A 55 27.37 -4.75 18.82
C ASP A 55 27.64 -3.83 17.60
N ARG A 56 28.93 -3.60 17.31
CA ARG A 56 29.31 -2.61 16.29
C ARG A 56 28.82 -2.97 14.89
N GLN A 57 28.87 -4.26 14.53
CA GLN A 57 28.33 -4.70 13.21
C GLN A 57 26.80 -4.49 13.11
N ALA A 58 26.11 -4.79 14.21
CA ALA A 58 24.64 -4.60 14.25
C ALA A 58 24.28 -3.12 14.19
N TYR A 59 25.07 -2.28 14.85
CA TYR A 59 24.90 -0.83 14.77
C TYR A 59 25.01 -0.28 13.34
N ALA A 60 26.09 -0.64 12.65
CA ALA A 60 26.31 -0.21 11.28
C ALA A 60 25.17 -0.73 10.40
N ALA A 61 24.78 -1.98 10.59
CA ALA A 61 23.73 -2.57 9.75
C ALA A 61 22.42 -1.83 9.98
N TYR A 62 22.02 -1.61 11.24
CA TYR A 62 20.70 -0.97 11.48
C TYR A 62 20.71 0.48 10.96
N GLN A 63 21.84 1.16 11.09
CA GLN A 63 21.93 2.56 10.59
C GLN A 63 21.79 2.62 9.07
N GLN A 64 22.46 1.71 8.37
CA GLN A 64 22.38 1.65 6.91
CA GLN A 64 22.38 1.62 6.91
C GLN A 64 20.96 1.27 6.47
N LEU A 65 20.38 0.26 7.12
CA LEU A 65 18.98 -0.08 6.81
C LEU A 65 18.02 1.08 7.08
N LEU A 66 18.18 1.76 8.21
CA LEU A 66 17.31 2.92 8.52
C LEU A 66 17.48 4.03 7.48
N TYR A 67 18.68 4.19 6.94
CA TYR A 67 18.97 5.22 5.92
C TYR A 67 18.19 4.83 4.64
N VAL A 68 18.23 3.55 4.28
CA VAL A 68 17.47 3.10 3.11
C VAL A 68 15.94 3.29 3.37
N LEU A 69 15.49 2.88 4.55
CA LEU A 69 14.06 2.93 4.86
C LEU A 69 13.56 4.37 4.88
N SER A 70 14.29 5.25 5.57
CA SER A 70 13.73 6.57 5.85
C SER A 70 13.97 7.55 4.70
N LEU A 71 15.02 7.31 3.90
CA LEU A 71 15.42 8.32 2.95
C LEU A 71 15.56 7.89 1.46
N SER A 72 15.05 6.71 1.09
CA SER A 72 15.03 6.30 -0.33
C SER A 72 13.98 7.14 -1.10
N ASP A 73 14.15 7.25 -2.42
CA ASP A 73 13.24 8.10 -3.22
C ASP A 73 12.16 7.36 -4.07
N ASP A 74 11.95 6.05 -3.85
CA ASP A 74 10.86 5.34 -4.57
C ASP A 74 9.58 5.42 -3.75
N VAL A 75 8.71 6.35 -4.13
CA VAL A 75 7.51 6.66 -3.32
CA VAL A 75 7.49 6.68 -3.37
C VAL A 75 6.57 5.45 -3.18
N ALA A 76 6.62 4.54 -4.15
CA ALA A 76 5.79 3.32 -4.11
C ALA A 76 5.95 2.55 -2.81
N THR A 77 7.14 2.61 -2.21
CA THR A 77 7.38 1.80 -0.97
C THR A 77 7.44 2.66 0.30
N ALA A 78 7.18 3.96 0.14
CA ALA A 78 7.45 4.92 1.22
C ALA A 78 6.62 4.60 2.46
N GLN A 79 5.34 4.27 2.29
CA GLN A 79 4.47 4.05 3.48
C GLN A 79 4.96 2.87 4.32
N THR A 80 5.23 1.74 3.67
CA THR A 80 5.79 0.61 4.38
C THR A 80 7.19 0.89 4.93
N ARG A 81 8.03 1.60 4.17
CA ARG A 81 9.36 1.93 4.69
C ARG A 81 9.23 2.74 5.99
N ARG A 82 8.31 3.73 6.04
CA ARG A 82 8.19 4.55 7.25
C ARG A 82 7.59 3.73 8.39
N TRP A 83 6.78 2.74 8.04
CA TRP A 83 6.19 1.81 9.02
C TRP A 83 7.32 1.04 9.70
N LEU A 84 8.20 0.47 8.89
CA LEU A 84 9.41 -0.19 9.38
C LEU A 84 10.38 0.72 10.13
N ALA A 85 10.58 1.93 9.64
CA ALA A 85 11.44 2.91 10.36
C ALA A 85 10.95 3.13 11.78
N ARG A 86 9.64 3.25 11.97
CA ARG A 86 9.12 3.44 13.33
C ARG A 86 9.48 2.30 14.31
N ALA A 87 9.54 1.07 13.80
CA ALA A 87 9.96 -0.07 14.66
C ALA A 87 11.37 0.16 15.23
N ILE A 88 12.22 0.76 14.41
CA ILE A 88 13.58 1.17 14.79
C ILE A 88 13.57 2.40 15.72
N TYR A 89 12.80 3.43 15.35
CA TYR A 89 12.74 4.67 16.14
C TYR A 89 12.30 4.39 17.57
N ARG A 90 11.36 3.43 17.75
CA ARG A 90 10.86 3.11 19.09
CA ARG A 90 10.86 3.14 19.08
C ARG A 90 11.97 2.57 19.96
N VAL A 91 12.86 1.79 19.37
CA VAL A 91 14.01 1.30 20.10
C VAL A 91 15.00 2.44 20.39
N GLU A 92 15.32 3.25 19.39
CA GLU A 92 16.32 4.33 19.55
C GLU A 92 15.88 5.29 20.64
N GLU A 93 14.56 5.55 20.69
CA GLU A 93 14.04 6.53 21.65
C GLU A 93 14.11 6.03 23.11
N ARG A 94 14.08 4.72 23.30
CA ARG A 94 14.26 4.11 24.63
CA ARG A 94 14.27 4.08 24.61
C ARG A 94 15.69 4.26 25.14
N PHE A 95 16.65 4.29 24.21
CA PHE A 95 18.07 4.39 24.60
C PHE A 95 18.57 5.77 24.83
N MSE A 96 17.95 6.79 24.26
CA MSE A 96 18.52 8.11 24.43
C MSE A 96 18.14 8.73 25.77
O MSE A 96 17.03 8.49 26.29
CB MSE A 96 18.20 9.05 23.26
CG MSE A 96 16.78 9.04 22.85
SE MSE A 96 16.45 10.09 21.19
CE MSE A 96 16.83 8.89 19.75
N PRO A 97 19.07 9.52 26.35
CA PRO A 97 18.79 10.24 27.60
C PRO A 97 17.57 11.13 27.41
N ALA A 98 16.63 11.04 28.33
CA ALA A 98 15.40 11.79 28.26
C ALA A 98 15.44 12.93 29.26
N ALA A 99 14.86 14.07 28.88
CA ALA A 99 14.67 15.20 29.80
C ALA A 99 13.96 14.79 31.11
N ASP A 100 12.96 13.92 31.01
CA ASP A 100 12.29 13.37 32.21
CA ASP A 100 12.18 13.39 32.16
C ASP A 100 11.83 14.43 33.24
N LEU A 101 11.27 15.55 32.79
CA LEU A 101 10.73 16.54 33.71
C LEU A 101 9.36 16.04 34.19
N SER A 102 9.11 16.15 35.49
CA SER A 102 7.79 15.81 36.05
C SER A 102 6.83 17.00 35.94
N ARG A 103 7.40 18.21 35.87
CA ARG A 103 6.61 19.42 35.67
C ARG A 103 7.31 20.42 34.75
N ALA A 104 6.52 21.19 34.01
CA ALA A 104 7.05 22.12 33.03
C ALA A 104 7.96 23.16 33.66
N LEU A 105 9.04 23.47 32.96
CA LEU A 105 9.89 24.60 33.29
C LEU A 105 9.12 25.90 33.00
N SER A 106 9.44 26.97 33.74
CA SER A 106 8.91 28.31 33.45
CA SER A 106 8.86 28.27 33.43
C SER A 106 9.35 28.76 32.07
N GLU A 107 8.57 29.63 31.41
CA GLU A 107 9.00 30.15 30.10
C GLU A 107 10.44 30.62 30.17
N GLU A 108 10.86 31.03 31.37
CA GLU A 108 12.17 31.59 31.61
C GLU A 108 13.28 30.57 31.84
N ASP A 109 13.06 29.62 32.75
CA ASP A 109 13.99 28.50 32.92
C ASP A 109 14.08 27.67 31.63
N PHE A 110 12.98 27.61 30.88
CA PHE A 110 12.99 26.90 29.57
C PHE A 110 13.88 27.64 28.59
N GLN A 111 13.65 28.96 28.46
CA GLN A 111 14.48 29.74 27.54
C GLN A 111 15.94 29.76 28.00
N LYS A 112 16.15 29.68 29.32
CA LYS A 112 17.51 29.65 29.90
C LYS A 112 18.21 28.32 29.59
N ARG A 113 17.47 27.22 29.66
CA ARG A 113 18.02 25.89 29.38
C ARG A 113 18.47 25.82 27.94
N LEU A 114 17.69 26.43 27.05
CA LEU A 114 17.99 26.48 25.61
C LEU A 114 19.25 27.27 25.36
N GLU A 115 19.36 28.45 25.99
CA GLU A 115 20.57 29.26 25.85
C GLU A 115 21.80 28.53 26.39
N GLN A 116 21.62 27.85 27.52
CA GLN A 116 22.71 27.09 28.14
C GLN A 116 23.19 25.95 27.25
N GLU A 117 22.27 25.24 26.61
CA GLU A 117 22.62 24.15 25.69
C GLU A 117 23.36 24.69 24.47
N ILE A 118 22.80 25.72 23.85
CA ILE A 118 23.39 26.34 22.64
C ILE A 118 24.78 26.92 22.88
N ALA A 119 24.87 27.95 23.73
CA ALA A 119 26.14 28.63 23.98
C ALA A 119 27.16 27.67 24.55
N ALA A 120 26.76 26.92 25.57
CA ALA A 120 27.67 26.02 26.25
C ALA A 120 27.74 24.69 25.52
N GLN A 121 28.75 24.58 24.65
CA GLN A 121 29.09 23.35 23.93
C GLN A 121 28.32 23.22 22.62
N GLU A 124 29.13 25.84 17.92
CA GLU A 124 29.38 26.66 16.73
C GLU A 124 30.84 27.12 16.60
N ARG A 125 31.61 26.96 17.67
CA ARG A 125 33.05 27.16 17.55
C ARG A 125 33.82 25.85 17.64
N HIS A 126 33.24 24.83 17.00
CA HIS A 126 33.94 23.63 16.61
C HIS A 126 35.21 24.04 15.87
N PRO A 127 36.38 23.41 16.17
CA PRO A 127 37.66 23.83 15.57
C PRO A 127 37.66 23.81 14.04
N MSE A 128 36.75 23.00 13.47
CA MSE A 128 36.61 22.93 12.02
CA MSE A 128 36.56 22.90 12.01
C MSE A 128 35.96 24.17 11.45
O MSE A 128 36.48 24.74 10.48
CB MSE A 128 35.79 21.71 11.61
CB MSE A 128 35.66 21.69 11.67
CG MSE A 128 35.45 21.73 10.11
CG MSE A 128 35.48 21.38 10.16
SE MSE A 128 34.61 20.09 9.44
SE MSE A 128 33.90 22.25 9.30
CE MSE A 128 32.89 20.37 10.09
CE MSE A 128 32.61 20.96 10.00
N SER A 129 34.84 24.60 12.04
CA SER A 129 34.16 25.82 11.61
C SER A 129 35.15 26.98 11.63
N GLN A 130 35.95 27.05 12.70
CA GLN A 130 36.90 28.13 12.90
C GLN A 130 38.01 28.15 11.83
N TYR A 131 38.51 26.95 11.51
CA TYR A 131 39.50 26.77 10.45
C TYR A 131 38.94 27.30 9.10
N VAL A 132 37.76 26.82 8.71
CA VAL A 132 37.07 27.28 7.50
C VAL A 132 36.74 28.80 7.54
N PHE A 133 36.11 29.27 8.63
CA PHE A 133 35.78 30.72 8.77
C PHE A 133 37.00 31.63 8.58
N SER A 134 38.15 31.19 9.07
CA SER A 134 39.40 31.98 9.05
C SER A 134 40.01 32.15 7.66
N GLY A 135 39.64 31.28 6.72
CA GLY A 135 40.22 31.30 5.36
C GLY A 135 41.46 30.43 5.18
N SER A 136 41.71 29.51 6.12
CA SER A 136 42.91 28.66 6.07
C SER A 136 42.78 27.34 5.28
N ALA A 137 41.54 26.96 4.93
CA ALA A 137 41.34 25.68 4.27
C ALA A 137 41.93 25.64 2.85
N SER A 138 42.53 24.50 2.51
CA SER A 138 43.02 24.22 1.15
C SER A 138 41.85 23.92 0.20
N ARG A 139 42.10 23.91 -1.12
CA ARG A 139 41.05 23.52 -2.07
C ARG A 139 40.40 22.19 -1.66
N ALA A 140 41.22 21.16 -1.49
CA ALA A 140 40.70 19.82 -1.15
C ALA A 140 39.91 19.81 0.17
N GLN A 141 40.34 20.62 1.14
CA GLN A 141 39.63 20.71 2.42
C GLN A 141 38.28 21.41 2.30
N LEU A 142 38.22 22.45 1.48
CA LEU A 142 36.98 23.17 1.24
C LEU A 142 36.01 22.27 0.46
N GLN A 143 36.55 21.47 -0.46
CA GLN A 143 35.72 20.51 -1.18
C GLN A 143 35.13 19.48 -0.23
N VAL A 144 35.94 18.96 0.71
CA VAL A 144 35.39 18.04 1.74
C VAL A 144 34.20 18.70 2.46
N PHE A 145 34.41 19.91 2.95
CA PHE A 145 33.38 20.65 3.68
C PHE A 145 32.08 20.79 2.85
N LEU A 146 32.24 21.20 1.59
CA LEU A 146 31.08 21.42 0.73
C LEU A 146 30.34 20.14 0.32
N ARG A 147 31.07 19.03 0.09
CA ARG A 147 30.42 17.74 -0.17
CA ARG A 147 30.41 17.75 -0.17
C ARG A 147 29.45 17.41 0.96
N HIS A 148 29.89 17.68 2.19
CA HIS A 148 29.06 17.36 3.37
C HIS A 148 27.94 18.36 3.57
N GLN A 149 28.21 19.63 3.25
CA GLN A 149 27.16 20.65 3.19
C GLN A 149 26.00 20.22 2.28
N TRP A 150 26.32 19.61 1.11
CA TRP A 150 25.31 19.08 0.19
C TRP A 150 24.33 18.12 0.89
N PHE A 151 24.88 17.14 1.61
CA PHE A 151 24.04 16.16 2.28
C PHE A 151 23.09 16.80 3.29
N ARG A 152 23.58 17.80 4.04
CA ARG A 152 22.72 18.49 5.01
C ARG A 152 21.60 19.29 4.36
N THR A 153 21.95 19.97 3.27
CA THR A 153 21.05 20.93 2.63
C THR A 153 20.06 20.35 1.65
N PHE A 154 20.50 19.41 0.81
CA PHE A 154 19.75 19.14 -0.42
C PHE A 154 18.32 18.66 -0.25
N ARG A 155 18.02 17.94 0.85
CA ARG A 155 16.64 17.50 1.07
C ARG A 155 16.09 18.00 2.41
N LEU A 156 16.69 19.07 2.95
CA LEU A 156 16.15 19.64 4.20
C LEU A 156 14.67 20.02 4.06
N TYR A 157 14.31 20.60 2.91
CA TYR A 157 12.93 21.07 2.70
C TYR A 157 11.91 19.92 2.89
N ARG A 158 12.31 18.68 2.55
CA ARG A 158 11.39 17.53 2.70
C ARG A 158 11.15 17.21 4.16
N ASP A 159 12.18 17.40 4.98
CA ASP A 159 12.00 17.12 6.40
C ASP A 159 11.04 18.18 6.99
N ALA A 160 11.19 19.44 6.56
CA ALA A 160 10.31 20.53 7.02
C ALA A 160 8.87 20.25 6.56
N ALA A 161 8.69 19.71 5.36
CA ALA A 161 7.37 19.36 4.87
C ALA A 161 6.69 18.29 5.72
N ASP A 162 7.45 17.36 6.26
CA ASP A 162 6.86 16.32 7.13
C ASP A 162 6.31 16.96 8.40
N LEU A 163 7.00 17.98 8.90
CA LEU A 163 6.51 18.71 10.07
C LEU A 163 5.25 19.51 9.69
N LEU A 164 5.29 20.13 8.51
CA LEU A 164 4.09 20.82 8.00
C LEU A 164 2.86 19.88 8.08
N VAL A 165 2.99 18.66 7.59
CA VAL A 165 1.87 17.71 7.61
C VAL A 165 1.32 17.40 9.02
N ASN A 166 2.19 17.46 10.05
CA ASN A 166 1.72 17.17 11.41
C ASN A 166 1.28 18.39 12.21
N LEU A 167 1.27 19.57 11.58
CA LEU A 167 0.83 20.83 12.24
C LEU A 167 -0.65 21.03 11.86
N THR A 168 -1.54 20.51 12.72
CA THR A 168 -2.98 20.54 12.42
C THR A 168 -3.60 21.95 12.41
N ASP A 169 -3.02 22.88 13.15
CA ASP A 169 -3.53 24.24 13.20
C ASP A 169 -3.18 24.93 11.88
N VAL A 170 -4.17 25.47 11.19
CA VAL A 170 -3.96 26.10 9.89
C VAL A 170 -2.92 27.25 9.92
N ASP A 171 -2.88 28.06 10.99
CA ASP A 171 -1.92 29.17 11.05
C ASP A 171 -0.51 28.63 11.20
N GLU A 172 -0.38 27.48 11.86
CA GLU A 172 0.92 26.86 12.04
C GLU A 172 1.42 26.20 10.76
N ALA A 173 0.52 25.49 10.07
CA ALA A 173 0.80 25.03 8.72
C ALA A 173 1.23 26.20 7.83
N ALA A 174 0.55 27.35 7.92
CA ALA A 174 0.90 28.50 7.10
C ALA A 174 2.35 28.95 7.34
N ALA A 175 2.80 28.91 8.60
CA ALA A 175 4.19 29.29 8.93
C ALA A 175 5.17 28.37 8.20
N LEU A 176 4.90 27.08 8.21
CA LEU A 176 5.78 26.13 7.52
C LEU A 176 5.69 26.28 6.01
N ALA A 177 4.52 26.63 5.51
CA ALA A 177 4.35 26.87 4.08
C ALA A 177 5.17 28.09 3.62
N ARG A 178 5.21 29.14 4.44
CA ARG A 178 6.09 30.29 4.16
C ARG A 178 7.58 29.89 4.16
N TYR A 179 7.98 29.07 5.14
CA TYR A 179 9.36 28.54 5.17
C TYR A 179 9.65 27.82 3.86
N LEU A 180 8.78 26.87 3.50
CA LEU A 180 8.98 26.06 2.27
C LEU A 180 9.05 26.88 0.99
N TYR A 181 8.16 27.86 0.88
CA TYR A 181 8.14 28.79 -0.26
C TYR A 181 9.51 29.50 -0.41
N GLY A 182 10.07 30.02 0.68
CA GLY A 182 11.38 30.67 0.59
C GLY A 182 12.47 29.66 0.26
N GLU A 183 12.46 28.50 0.95
CA GLU A 183 13.45 27.45 0.74
C GLU A 183 13.47 26.91 -0.72
N LEU A 184 12.32 26.93 -1.37
CA LEU A 184 12.21 26.40 -2.74
C LEU A 184 12.20 27.44 -3.84
N GLY A 185 12.70 28.64 -3.53
CA GLY A 185 13.01 29.64 -4.53
C GLY A 185 11.93 30.68 -4.78
N GLU A 186 10.87 30.66 -3.97
CA GLU A 186 9.75 31.59 -4.11
C GLU A 186 9.10 31.43 -5.49
N GLU A 187 9.11 32.47 -6.34
CA GLU A 187 8.46 32.34 -7.66
C GLU A 187 9.31 31.60 -8.69
N ASP A 188 10.58 31.36 -8.35
CA ASP A 188 11.53 30.81 -9.29
C ASP A 188 12.28 29.58 -8.76
N GLU A 189 11.92 28.41 -9.26
CA GLU A 189 12.49 27.16 -8.76
C GLU A 189 14.00 27.01 -9.08
N LYS A 190 14.49 27.80 -10.05
CA LYS A 190 15.92 27.80 -10.35
C LYS A 190 16.70 28.38 -9.13
N GLY A 191 16.00 29.13 -8.27
CA GLY A 191 16.55 29.70 -7.06
C GLY A 191 16.27 28.94 -5.77
N SER A 192 15.70 27.75 -5.86
CA SER A 192 15.60 26.87 -4.67
C SER A 192 16.96 26.72 -3.99
N HIS A 193 16.95 26.61 -2.67
CA HIS A 193 18.21 26.53 -1.95
C HIS A 193 19.10 25.33 -2.34
N PRO A 194 18.49 24.15 -2.58
CA PRO A 194 19.33 23.06 -3.10
C PRO A 194 19.98 23.43 -4.42
N ARG A 195 19.25 24.07 -5.32
CA ARG A 195 19.85 24.46 -6.62
C ARG A 195 20.93 25.54 -6.46
N LEU A 196 20.71 26.51 -5.57
CA LEU A 196 21.75 27.50 -5.20
C LEU A 196 23.03 26.78 -4.74
N LEU A 197 22.89 25.80 -3.86
CA LEU A 197 24.06 25.08 -3.35
C LEU A 197 24.73 24.27 -4.46
N ALA A 198 23.92 23.68 -5.36
CA ALA A 198 24.44 22.97 -6.52
C ALA A 198 25.36 23.88 -7.36
N LYS A 199 24.94 25.12 -7.57
CA LYS A 199 25.75 26.12 -8.32
C LYS A 199 27.11 26.34 -7.63
N LEU A 200 27.08 26.43 -6.31
CA LEU A 200 28.29 26.59 -5.52
C LEU A 200 29.22 25.37 -5.65
N LEU A 201 28.69 24.15 -5.47
CA LEU A 201 29.52 22.95 -5.65
C LEU A 201 30.18 22.92 -7.03
N GLU A 202 29.38 23.24 -8.04
CA GLU A 202 29.87 23.24 -9.42
C GLU A 202 30.99 24.27 -9.63
N ALA A 203 30.88 25.42 -8.95
CA ALA A 203 31.90 26.47 -9.04
C ALA A 203 33.26 26.00 -8.52
N ILE A 204 33.26 25.05 -7.60
CA ILE A 204 34.51 24.55 -7.03
C ILE A 204 34.88 23.17 -7.57
N GLY A 205 34.23 22.76 -8.65
CA GLY A 205 34.58 21.51 -9.34
C GLY A 205 33.99 20.24 -8.77
N LEU A 206 32.89 20.37 -8.02
CA LEU A 206 32.17 19.22 -7.45
C LEU A 206 30.82 18.97 -8.14
N GLU A 207 30.42 17.71 -8.20
CA GLU A 207 29.08 17.37 -8.72
CA GLU A 207 29.10 17.28 -8.70
C GLU A 207 28.08 17.40 -7.56
N ALA A 208 26.87 17.91 -7.84
CA ALA A 208 25.85 17.96 -6.79
C ALA A 208 24.76 16.97 -7.19
N ASP A 209 24.77 15.80 -6.57
CA ASP A 209 23.98 14.66 -7.00
C ASP A 209 22.65 14.64 -6.20
N PHE A 210 21.52 14.89 -6.89
CA PHE A 210 20.20 14.82 -6.23
C PHE A 210 19.78 13.39 -5.81
N GLN A 211 20.57 12.40 -6.19
CA GLN A 211 20.38 11.04 -5.68
CA GLN A 211 20.37 11.04 -5.70
C GLN A 211 21.55 10.62 -4.81
N ALA A 212 22.22 11.60 -4.18
CA ALA A 212 23.41 11.33 -3.33
C ALA A 212 23.08 10.37 -2.18
N VAL A 213 23.99 9.43 -1.94
CA VAL A 213 23.84 8.46 -0.86
C VAL A 213 25.16 8.50 -0.08
N SER A 214 25.09 8.88 1.19
CA SER A 214 26.27 8.96 2.04
C SER A 214 26.87 7.61 2.38
N THR A 215 28.19 7.58 2.49
CA THR A 215 28.85 6.42 3.05
C THR A 215 29.56 6.71 4.39
N MSE A 216 29.34 7.90 4.96
CA MSE A 216 30.01 8.30 6.19
C MSE A 216 29.04 7.97 7.32
O MSE A 216 27.96 8.53 7.35
CB MSE A 216 30.35 9.80 6.20
CG MSE A 216 30.92 10.31 7.57
SE MSE A 216 31.18 12.25 7.66
CE MSE A 216 33.10 12.33 7.21
N PRO A 217 29.44 7.05 8.23
CA PRO A 217 28.53 6.59 9.29
C PRO A 217 27.90 7.75 10.06
N GLU A 218 28.71 8.76 10.40
CA GLU A 218 28.19 9.88 11.25
C GLU A 218 27.22 10.80 10.48
N GLU A 219 27.39 10.85 9.17
CA GLU A 219 26.48 11.66 8.34
C GLU A 219 25.15 10.92 8.19
N ILE A 220 25.24 9.61 7.93
CA ILE A 220 24.06 8.73 7.95
C ILE A 220 23.29 8.89 9.26
N ALA A 221 23.96 8.79 10.41
CA ALA A 221 23.27 8.95 11.70
C ALA A 221 22.60 10.34 11.87
N TYR A 222 23.28 11.39 11.39
CA TYR A 222 22.73 12.76 11.38
C TYR A 222 21.46 12.86 10.54
N LEU A 223 21.52 12.38 9.31
CA LEU A 223 20.34 12.45 8.40
C LEU A 223 19.21 11.59 8.91
N ASN A 224 19.55 10.41 9.44
CA ASN A 224 18.52 9.51 9.99
C ASN A 224 17.85 10.20 11.16
N ASN A 225 18.64 10.77 12.07
CA ASN A 225 18.05 11.42 13.25
C ASN A 225 17.19 12.62 12.85
N ARG A 226 17.67 13.39 11.88
CA ARG A 226 16.92 14.59 11.50
C ARG A 226 15.56 14.20 10.89
N ALA A 227 15.53 13.19 10.02
CA ALA A 227 14.27 12.75 9.46
C ALA A 227 13.34 12.23 10.56
N ARG A 228 13.85 11.37 11.47
CA ARG A 228 13.07 10.87 12.60
C ARG A 228 12.40 12.04 13.36
N ALA A 229 13.20 13.04 13.74
CA ALA A 229 12.75 14.19 14.53
C ALA A 229 11.63 14.98 13.81
N PHE A 230 11.87 15.36 12.55
CA PHE A 230 10.85 16.06 11.77
C PHE A 230 9.55 15.27 11.50
N ARG A 231 9.64 13.93 11.49
CA ARG A 231 8.46 13.09 11.25
C ARG A 231 7.72 12.69 12.53
N HIS A 232 8.33 12.92 13.69
CA HIS A 232 7.75 12.42 14.92
C HIS A 232 6.33 12.99 15.15
N ALA A 233 5.43 12.14 15.61
CA ALA A 233 4.03 12.53 15.91
C ALA A 233 3.96 13.58 17.05
N GLU A 234 4.98 13.61 17.91
CA GLU A 234 5.10 14.65 18.95
C GLU A 234 5.97 15.75 18.36
N VAL A 235 5.32 16.82 17.89
CA VAL A 235 5.98 17.87 17.09
C VAL A 235 7.07 18.64 17.86
N GLY A 236 7.08 18.53 19.21
CA GLY A 236 8.27 18.99 20.01
C GLY A 236 9.62 18.49 19.43
N TRP A 237 9.66 17.24 18.96
CA TRP A 237 10.93 16.73 18.42
C TRP A 237 11.39 17.53 17.21
N GLY A 238 10.43 17.72 16.27
CA GLY A 238 10.65 18.43 15.01
C GLY A 238 10.89 19.92 15.21
N LEU A 239 10.15 20.53 16.13
CA LEU A 239 10.33 21.96 16.41
C LEU A 239 11.70 22.26 17.00
N ALA A 240 12.23 21.35 17.80
CA ALA A 240 13.60 21.50 18.36
C ALA A 240 14.65 21.57 17.25
N VAL A 241 14.60 20.65 16.29
CA VAL A 241 15.57 20.70 15.18
C VAL A 241 15.39 21.92 14.27
N PHE A 242 14.14 22.25 13.99
CA PHE A 242 13.78 23.40 13.16
C PHE A 242 14.30 24.67 13.84
N TYR A 243 14.01 24.79 15.12
CA TYR A 243 14.41 25.96 15.90
C TYR A 243 15.90 26.17 15.83
N ILE A 244 16.67 25.15 16.19
CA ILE A 244 18.13 25.28 16.28
C ILE A 244 18.76 25.58 14.90
N THR A 245 18.23 24.99 13.83
CA THR A 245 18.69 25.23 12.46
C THR A 245 18.42 26.68 12.03
N GLU A 246 17.21 27.16 12.24
CA GLU A 246 16.85 28.55 11.89
C GLU A 246 17.64 29.59 12.68
N LEU A 247 17.90 29.31 13.95
CA LEU A 247 18.61 30.24 14.84
C LEU A 247 20.11 30.39 14.50
N VAL A 248 20.75 29.31 14.07
CA VAL A 248 22.21 29.26 13.93
C VAL A 248 22.71 29.52 12.48
N VAL A 249 21.91 29.11 11.50
CA VAL A 249 22.23 29.28 10.06
C VAL A 249 22.66 30.71 9.57
N PRO A 250 21.88 31.77 9.89
CA PRO A 250 22.27 33.09 9.35
C PRO A 250 23.68 33.55 9.76
N GLY A 251 24.07 33.19 10.99
CA GLY A 251 25.39 33.50 11.53
C GLY A 251 26.52 32.72 10.87
N ASN A 252 26.39 31.40 10.80
CA ASN A 252 27.43 30.56 10.17
C ASN A 252 27.54 30.89 8.69
N HIS A 253 26.39 30.99 8.04
CA HIS A 253 26.32 31.26 6.62
C HIS A 253 26.97 32.58 6.19
N GLU A 254 26.93 33.62 7.02
CA GLU A 254 27.64 34.88 6.73
C GLU A 254 29.16 34.76 6.71
N LYS A 255 29.69 33.99 7.66
CA LYS A 255 31.14 33.79 7.77
C LYS A 255 31.62 32.86 6.65
N LEU A 256 30.79 31.86 6.31
CA LEU A 256 31.06 30.97 5.20
C LEU A 256 31.07 31.75 3.86
N TYR A 257 30.11 32.65 3.70
CA TYR A 257 30.06 33.54 2.52
C TYR A 257 31.39 34.29 2.32
N ARG A 258 31.89 34.90 3.38
CA ARG A 258 33.10 35.71 3.24
C ARG A 258 34.34 34.83 2.98
N ALA A 259 34.39 33.67 3.63
CA ALA A 259 35.45 32.66 3.40
C ALA A 259 35.48 32.18 1.94
N LEU A 260 34.29 31.97 1.37
CA LEU A 260 34.17 31.54 -0.01
C LEU A 260 34.60 32.61 -1.03
N LEU A 261 34.25 33.86 -0.76
CA LEU A 261 34.75 34.97 -1.56
C LEU A 261 36.29 35.04 -1.53
N GLN A 262 36.85 34.96 -0.33
CA GLN A 262 38.30 34.82 -0.11
C GLN A 262 38.91 33.67 -0.91
N ALA A 263 38.14 32.59 -1.06
CA ALA A 263 38.60 31.40 -1.78
C ALA A 263 38.57 31.55 -3.30
N GLY A 264 37.98 32.64 -3.78
CA GLY A 264 37.95 32.92 -5.21
C GLY A 264 36.62 32.66 -5.91
N LEU A 265 35.58 32.33 -5.14
CA LEU A 265 34.22 32.23 -5.68
CA LEU A 265 34.23 32.23 -5.69
C LEU A 265 33.62 33.61 -5.86
N SER A 266 32.81 33.77 -6.92
CA SER A 266 32.17 35.06 -7.17
C SER A 266 31.00 35.21 -6.23
N GLU A 267 30.46 36.42 -6.17
CA GLU A 267 29.27 36.67 -5.37
CA GLU A 267 29.28 36.68 -5.36
C GLU A 267 28.12 35.81 -5.84
N ASP A 268 27.97 35.70 -7.17
CA ASP A 268 26.88 34.88 -7.72
C ASP A 268 27.05 33.39 -7.36
N GLN A 269 28.28 32.88 -7.44
CA GLN A 269 28.55 31.47 -7.11
C GLN A 269 28.28 31.14 -5.65
N ALA A 270 28.53 32.10 -4.75
CA ALA A 270 28.34 31.89 -3.30
C ALA A 270 26.97 32.33 -2.76
N GLU A 271 26.03 32.59 -3.66
CA GLU A 271 24.68 33.06 -3.34
C GLU A 271 23.98 32.24 -2.26
N TYR A 272 24.17 30.93 -2.31
CA TYR A 272 23.61 30.01 -1.30
C TYR A 272 23.82 30.52 0.14
N TYR A 273 25.03 30.99 0.45
CA TYR A 273 25.30 31.39 1.81
C TYR A 273 24.80 32.81 2.06
N LYS A 274 24.79 33.62 1.00
CA LYS A 274 24.36 35.02 1.12
C LYS A 274 22.89 35.13 1.48
N VAL A 275 22.05 34.30 0.83
CA VAL A 275 20.59 34.42 0.98
C VAL A 275 20.07 34.15 2.38
N HIS A 276 20.85 33.40 3.17
CA HIS A 276 20.48 33.04 4.53
C HIS A 276 20.76 34.13 5.58
N ILE A 277 21.84 34.89 5.40
CA ILE A 277 22.09 36.08 6.23
C ILE A 277 20.82 36.93 6.28
N SER A 278 20.09 36.91 5.16
CA SER A 278 19.02 37.83 4.81
C SER A 278 17.61 37.33 5.19
N LEU A 279 17.21 36.17 4.65
CA LEU A 279 15.81 35.72 4.76
C LEU A 279 15.41 35.12 6.10
N VAL A 280 16.36 34.55 6.84
CA VAL A 280 16.00 33.81 8.05
C VAL A 280 15.83 34.63 9.35
N PRO A 281 16.72 35.63 9.62
CA PRO A 281 16.38 36.58 10.70
C PRO A 281 15.09 37.36 10.40
N LYS A 285 11.51 36.23 15.65
CA LYS A 285 11.02 35.62 14.42
C LYS A 285 9.64 34.97 14.59
N ARG A 286 8.94 34.82 13.48
CA ARG A 286 7.53 34.42 13.47
C ARG A 286 7.33 32.95 13.89
N GLU A 287 8.28 32.11 13.53
CA GLU A 287 8.19 30.70 13.84
C GLU A 287 8.29 30.41 15.35
N TRP A 288 8.85 31.36 16.12
CA TRP A 288 8.99 31.19 17.57
C TRP A 288 7.65 30.95 18.31
N GLN A 289 6.55 31.54 17.82
CA GLN A 289 5.26 31.35 18.49
C GLN A 289 4.82 29.88 18.51
N LEU A 290 5.29 29.10 17.54
CA LEU A 290 5.01 27.66 17.54
C LEU A 290 5.55 27.00 18.79
N ILE A 291 6.71 27.48 19.23
CA ILE A 291 7.36 26.96 20.44
C ILE A 291 6.78 27.63 21.67
N ALA A 292 6.62 28.94 21.62
CA ALA A 292 6.24 29.72 22.82
C ALA A 292 4.87 29.26 23.33
N ARG A 293 3.97 28.99 22.39
CA ARG A 293 2.63 28.49 22.60
C ARG A 293 2.60 27.16 23.36
N ARG A 294 3.63 26.33 23.13
CA ARG A 294 3.66 25.00 23.70
C ARG A 294 4.49 24.87 24.98
N ILE A 295 5.29 25.88 25.28
CA ILE A 295 6.19 25.88 26.45
C ILE A 295 5.50 25.46 27.77
N PRO A 296 4.24 25.88 28.00
CA PRO A 296 3.59 25.50 29.28
C PRO A 296 3.33 24.00 29.45
N ASP A 297 3.38 23.25 28.35
CA ASP A 297 3.12 21.78 28.35
C ASP A 297 4.44 21.02 28.61
N VAL A 298 4.51 20.33 29.75
CA VAL A 298 5.68 19.53 30.12
C VAL A 298 6.05 18.41 29.11
N GLN A 299 5.05 17.79 28.48
CA GLN A 299 5.29 16.74 27.51
CA GLN A 299 5.23 16.75 27.48
C GLN A 299 5.92 17.30 26.23
N PHE A 300 5.50 18.49 25.82
CA PHE A 300 6.17 19.15 24.72
C PHE A 300 7.59 19.47 25.17
N GLN A 301 7.75 20.04 26.38
CA GLN A 301 9.09 20.36 26.89
C GLN A 301 10.01 19.14 26.93
N ASN A 302 9.52 17.98 27.38
CA ASN A 302 10.34 16.78 27.39
C ASN A 302 10.78 16.36 26.01
N ALA A 303 9.85 16.35 25.07
CA ALA A 303 10.17 15.97 23.68
C ALA A 303 11.17 16.97 23.08
N PHE A 304 10.88 18.27 23.20
CA PHE A 304 11.76 19.32 22.65
C PHE A 304 13.19 19.19 23.19
N LEU A 305 13.31 19.18 24.52
CA LEU A 305 14.63 19.10 25.18
C LEU A 305 15.39 17.82 24.88
N THR A 306 14.67 16.68 24.88
CA THR A 306 15.27 15.39 24.55
C THR A 306 15.76 15.44 23.10
N SER A 307 14.93 15.97 22.21
CA SER A 307 15.30 16.06 20.78
C SER A 307 16.55 16.97 20.60
N LEU A 308 16.55 18.11 21.28
CA LEU A 308 17.66 19.05 21.17
C LEU A 308 18.99 18.41 21.59
N SER A 309 18.97 17.69 22.72
CA SER A 309 20.17 16.99 23.22
C SER A 309 20.64 15.94 22.24
N GLN A 310 19.70 15.18 21.69
CA GLN A 310 20.03 14.10 20.76
C GLN A 310 20.63 14.68 19.46
N HIS A 311 20.00 15.75 18.97
CA HIS A 311 20.49 16.47 17.80
C HIS A 311 21.94 16.91 18.01
N PHE A 312 22.20 17.51 19.17
CA PHE A 312 23.56 17.98 19.42
C PHE A 312 24.60 16.86 19.44
N ARG A 313 24.22 15.71 20.01
CA ARG A 313 25.13 14.55 20.10
C ARG A 313 25.45 14.05 18.70
N VAL A 314 24.43 13.86 17.87
CA VAL A 314 24.71 13.38 16.50
CA VAL A 314 24.66 13.39 16.50
C VAL A 314 25.42 14.44 15.67
N GLU A 315 25.05 15.70 15.85
CA GLU A 315 25.72 16.73 15.09
C GLU A 315 27.21 16.82 15.45
N ARG A 316 27.50 16.70 16.75
CA ARG A 316 28.89 16.81 17.22
C ARG A 316 29.77 15.70 16.61
N ALA A 317 29.25 14.47 16.62
CA ALA A 317 29.98 13.31 16.09
C ALA A 317 30.19 13.49 14.58
N TYR A 318 29.18 14.05 13.93
CA TYR A 318 29.24 14.34 12.48
C TYR A 318 30.31 15.41 12.14
N TYR A 319 30.24 16.55 12.81
CA TYR A 319 31.26 17.57 12.64
C TYR A 319 32.67 17.07 12.97
N ASP A 320 32.83 16.30 14.05
CA ASP A 320 34.10 15.65 14.39
C ASP A 320 34.62 14.80 13.20
N ALA A 321 33.74 14.01 12.56
CA ALA A 321 34.16 13.12 11.49
C ALA A 321 34.56 13.92 10.26
N ILE A 322 33.82 15.00 9.99
CA ILE A 322 34.15 15.88 8.86
C ILE A 322 35.54 16.49 9.06
N TRP A 323 35.79 16.94 10.30
CA TRP A 323 37.05 17.61 10.67
C TRP A 323 38.21 16.63 10.51
N GLU A 324 37.99 15.41 10.94
CA GLU A 324 38.94 14.32 10.74
C GLU A 324 39.25 14.10 9.25
N GLU A 325 38.21 14.01 8.42
CA GLU A 325 38.39 13.84 6.97
C GLU A 325 39.16 15.01 6.35
N MSE A 326 38.76 16.23 6.71
CA MSE A 326 39.45 17.42 6.23
C MSE A 326 40.94 17.43 6.60
O MSE A 326 41.79 17.81 5.79
CB MSE A 326 38.78 18.67 6.79
CG MSE A 326 37.41 18.88 6.20
SE MSE A 326 36.59 20.49 6.90
CE MSE A 326 38.23 21.59 6.91
N GLN A 327 41.23 17.01 7.82
CA GLN A 327 42.59 16.96 8.32
C GLN A 327 43.40 15.90 7.56
N SER A 328 42.70 14.91 7.02
CA SER A 328 43.36 13.80 6.34
CA SER A 328 43.32 13.78 6.33
C SER A 328 43.65 14.05 4.86
N VAL A 329 43.13 15.15 4.30
CA VAL A 329 43.36 15.50 2.87
C VAL A 329 44.42 16.59 2.65
N ASN B 4 -11.35 21.29 21.82
CA ASN B 4 -12.27 20.13 21.75
C ASN B 4 -11.63 18.94 21.00
N THR B 5 -12.22 17.77 21.14
CA THR B 5 -11.66 16.58 20.53
C THR B 5 -12.74 15.96 19.65
N ARG B 6 -13.66 16.79 19.16
CA ARG B 6 -14.78 16.30 18.38
CA ARG B 6 -14.78 16.32 18.35
C ARG B 6 -14.31 15.58 17.12
N ASN B 7 -13.18 16.00 16.56
CA ASN B 7 -12.66 15.36 15.33
C ASN B 7 -11.42 14.50 15.59
N PHE B 8 -11.29 14.01 16.83
CA PHE B 8 -10.25 13.04 17.17
C PHE B 8 -10.82 11.66 16.89
N SER B 9 -9.94 10.67 16.68
CA SER B 9 -10.38 9.35 16.20
C SER B 9 -11.20 8.58 17.25
N LEU B 10 -10.72 8.54 18.49
CA LEU B 10 -11.36 7.70 19.49
C LEU B 10 -12.76 8.21 19.85
N PRO B 11 -12.92 9.54 20.13
CA PRO B 11 -14.27 10.07 20.33
C PRO B 11 -15.20 9.80 19.16
N GLN B 12 -14.71 9.92 17.92
CA GLN B 12 -15.54 9.58 16.77
C GLN B 12 -15.92 8.10 16.71
N LEU B 13 -14.97 7.18 16.98
CA LEU B 13 -15.29 5.76 16.96
C LEU B 13 -16.36 5.37 18.00
N GLN B 14 -16.32 6.05 19.14
CA GLN B 14 -17.30 5.81 20.23
C GLN B 14 -18.71 6.09 19.75
N ASN B 15 -18.84 7.06 18.86
CA ASN B 15 -20.14 7.39 18.29
C ASN B 15 -20.65 6.48 17.18
N LEU B 16 -19.86 5.49 16.77
CA LEU B 16 -20.21 4.59 15.67
C LEU B 16 -20.62 3.20 16.18
N PRO B 17 -21.89 2.80 16.04
N PRO B 17 -21.92 2.89 16.00
CA PRO B 17 -22.27 1.52 16.73
CA PRO B 17 -22.54 1.63 16.34
C PRO B 17 -21.66 0.22 16.14
C PRO B 17 -22.23 0.59 15.26
N ILE B 18 -20.92 0.38 15.06
CA ILE B 18 -20.34 -0.70 14.23
C ILE B 18 -19.41 -1.59 15.06
N GLU B 19 -19.53 -2.92 14.98
CA GLU B 19 -18.58 -3.84 15.69
C GLU B 19 -17.10 -3.59 15.37
N GLU B 20 -16.85 -3.30 14.11
CA GLU B 20 -15.51 -3.05 13.66
C GLU B 20 -14.89 -1.83 14.32
N ALA B 21 -15.72 -0.92 14.84
CA ALA B 21 -15.21 0.29 15.49
C ALA B 21 -14.40 -0.08 16.75
N ARG B 22 -14.84 -1.11 17.46
CA ARG B 22 -14.14 -1.58 18.68
C ARG B 22 -12.74 -2.09 18.33
N ILE B 23 -12.63 -2.90 17.27
CA ILE B 23 -11.34 -3.46 16.90
CA ILE B 23 -11.36 -3.48 16.83
C ILE B 23 -10.40 -2.39 16.35
N VAL B 24 -10.93 -1.41 15.63
CA VAL B 24 -10.11 -0.27 15.20
C VAL B 24 -9.55 0.53 16.39
N ALA B 25 -10.39 0.85 17.36
CA ALA B 25 -9.98 1.63 18.52
C ALA B 25 -8.81 0.93 19.22
N ASP B 26 -8.92 -0.41 19.40
CA ASP B 26 -7.87 -1.20 20.02
C ASP B 26 -6.54 -1.11 19.24
N ALA B 27 -6.62 -1.04 17.91
CA ALA B 27 -5.42 -0.96 17.05
C ALA B 27 -4.73 0.41 17.17
N LEU B 28 -5.47 1.41 17.70
CA LEU B 28 -4.93 2.77 17.87
C LEU B 28 -4.27 3.04 19.22
N ALA B 29 -4.20 2.02 20.08
CA ALA B 29 -3.54 2.16 21.39
C ALA B 29 -2.02 2.33 21.25
N VAL B 30 -1.42 3.07 22.17
CA VAL B 30 0.04 3.22 22.20
C VAL B 30 0.76 1.89 22.04
N HIS B 31 0.31 0.90 22.80
CA HIS B 31 0.96 -0.40 22.79
C HIS B 31 0.20 -1.48 22.01
N ALA B 32 -0.57 -1.06 20.98
CA ALA B 32 -1.23 -1.99 20.07
C ALA B 32 -0.20 -2.96 19.50
N THR B 33 -0.55 -4.24 19.48
CA THR B 33 0.34 -5.26 18.96
C THR B 33 0.18 -5.39 17.45
N SER B 34 1.13 -6.02 16.77
CA SER B 34 0.95 -6.25 15.33
CA SER B 34 0.94 -6.23 15.33
C SER B 34 -0.31 -7.07 15.06
N ARG B 35 -0.62 -8.02 15.95
CA ARG B 35 -1.80 -8.84 15.83
CA ARG B 35 -1.82 -8.83 15.77
C ARG B 35 -3.10 -7.98 15.80
N GLN B 36 -3.19 -7.06 16.74
CA GLN B 36 -4.36 -6.16 16.84
C GLN B 36 -4.53 -5.27 15.59
N ILE B 37 -3.41 -4.75 15.10
CA ILE B 37 -3.41 -3.84 13.96
C ILE B 37 -3.76 -4.63 12.72
N ASP B 38 -3.17 -5.82 12.60
CA ASP B 38 -3.47 -6.70 11.45
C ASP B 38 -4.92 -7.15 11.46
N SER B 39 -5.47 -7.45 12.64
CA SER B 39 -6.87 -7.88 12.75
C SER B 39 -7.80 -6.75 12.33
N ALA B 40 -7.48 -5.52 12.77
CA ALA B 40 -8.24 -4.34 12.37
C ALA B 40 -8.18 -4.20 10.84
N ALA B 41 -6.99 -4.30 10.26
CA ALA B 41 -6.89 -4.18 8.78
C ALA B 41 -7.73 -5.22 8.02
N SER B 42 -7.73 -6.46 8.49
CA SER B 42 -8.50 -7.52 7.85
CA SER B 42 -8.51 -7.52 7.84
C SER B 42 -10.00 -7.29 7.95
N LYS B 43 -10.48 -6.94 9.15
CA LYS B 43 -11.90 -6.62 9.34
C LYS B 43 -12.36 -5.42 8.49
N LEU B 44 -11.52 -4.38 8.41
CA LEU B 44 -11.83 -3.21 7.61
C LEU B 44 -11.88 -3.59 6.13
N ALA B 45 -10.91 -4.35 5.66
CA ALA B 45 -10.89 -4.73 4.25
C ALA B 45 -12.13 -5.58 3.94
N ALA B 46 -12.50 -6.49 4.85
CA ALA B 46 -13.68 -7.36 4.60
C ALA B 46 -14.97 -6.53 4.58
N LEU B 47 -15.08 -5.55 5.48
CA LEU B 47 -16.22 -4.65 5.50
C LEU B 47 -16.34 -3.84 4.19
N ALA B 48 -15.22 -3.23 3.78
CA ALA B 48 -15.18 -2.49 2.51
C ALA B 48 -15.61 -3.39 1.34
N GLU B 49 -15.07 -4.60 1.28
CA GLU B 49 -15.40 -5.54 0.19
C GLU B 49 -16.88 -5.85 0.16
N ALA B 50 -17.45 -6.16 1.32
CA ALA B 50 -18.88 -6.43 1.38
C ALA B 50 -19.66 -5.20 0.88
N GLY B 51 -19.29 -3.99 1.34
CA GLY B 51 -19.96 -2.77 0.88
C GLY B 51 -19.90 -2.53 -0.62
N LEU B 52 -18.71 -2.70 -1.18
CA LEU B 52 -18.48 -2.52 -2.61
C LEU B 52 -19.11 -3.60 -3.49
N LYS B 53 -19.52 -4.69 -2.87
CA LYS B 53 -20.32 -5.71 -3.57
C LYS B 53 -21.83 -5.58 -3.38
N GLY B 54 -22.26 -4.48 -2.74
CA GLY B 54 -23.69 -4.16 -2.71
C GLY B 54 -24.39 -4.31 -1.37
N ASP B 55 -23.62 -4.56 -0.31
CA ASP B 55 -24.17 -4.57 1.04
C ASP B 55 -24.22 -3.09 1.47
N ARG B 56 -25.41 -2.50 1.38
CA ARG B 56 -25.57 -1.06 1.62
C ARG B 56 -25.18 -0.62 3.05
N GLN B 57 -25.48 -1.46 4.05
CA GLN B 57 -25.07 -1.16 5.43
C GLN B 57 -23.55 -1.22 5.63
N ALA B 58 -22.91 -2.22 5.01
CA ALA B 58 -21.46 -2.37 5.08
C ALA B 58 -20.81 -1.18 4.38
N TYR B 59 -21.44 -0.73 3.28
CA TYR B 59 -20.90 0.36 2.51
C TYR B 59 -20.89 1.64 3.37
N ALA B 60 -22.03 1.94 3.99
CA ALA B 60 -22.14 3.13 4.85
C ALA B 60 -21.13 3.02 6.02
N ALA B 61 -21.02 1.84 6.60
CA ALA B 61 -20.18 1.60 7.74
C ALA B 61 -18.71 1.78 7.41
N TYR B 62 -18.26 1.21 6.28
CA TYR B 62 -16.83 1.34 5.96
C TYR B 62 -16.45 2.80 5.63
N GLN B 63 -17.39 3.54 5.00
CA GLN B 63 -17.12 4.95 4.63
C GLN B 63 -16.99 5.76 5.94
N GLN B 64 -17.86 5.49 6.90
CA GLN B 64 -17.80 6.18 8.21
CA GLN B 64 -17.78 6.20 8.20
C GLN B 64 -16.45 5.90 8.89
N LEU B 65 -16.04 4.63 8.92
CA LEU B 65 -14.73 4.23 9.49
C LEU B 65 -13.56 4.86 8.75
N LEU B 66 -13.60 4.84 7.42
CA LEU B 66 -12.53 5.48 6.59
C LEU B 66 -12.43 6.99 6.88
N TYR B 67 -13.57 7.63 7.13
CA TYR B 67 -13.61 9.08 7.38
C TYR B 67 -12.87 9.37 8.68
N VAL B 68 -13.15 8.54 9.69
CA VAL B 68 -12.41 8.62 10.94
C VAL B 68 -10.88 8.33 10.77
N LEU B 69 -10.53 7.18 10.13
CA LEU B 69 -9.14 6.85 9.85
C LEU B 69 -8.35 7.92 9.10
N SER B 70 -8.92 8.44 8.02
CA SER B 70 -8.10 9.22 7.10
C SER B 70 -8.11 10.68 7.51
N LEU B 71 -9.16 11.15 8.20
CA LEU B 71 -9.31 12.60 8.36
C LEU B 71 -9.42 13.15 9.81
N SER B 72 -9.16 12.26 10.80
CA SER B 72 -9.12 12.70 12.20
C SER B 72 -7.89 13.57 12.46
N ASP B 73 -7.97 14.41 13.48
CA ASP B 73 -6.89 15.36 13.79
C ASP B 73 -5.99 15.02 14.99
N ASP B 74 -6.14 13.84 15.58
CA ASP B 74 -5.18 13.40 16.66
C ASP B 74 -3.95 12.79 16.05
N VAL B 75 -2.91 13.61 15.89
CA VAL B 75 -1.70 13.21 15.15
C VAL B 75 -0.98 12.00 15.75
N ALA B 76 -1.14 11.78 17.06
CA ALA B 76 -0.53 10.60 17.71
C ALA B 76 -0.91 9.30 17.02
N THR B 77 -2.14 9.21 16.53
CA THR B 77 -2.60 7.94 15.92
C THR B 77 -2.53 7.97 14.39
N ALA B 78 -1.98 9.04 13.79
CA ALA B 78 -2.11 9.25 12.34
C ALA B 78 -1.42 8.18 11.52
N GLN B 79 -0.22 7.75 11.93
CA GLN B 79 0.52 6.76 11.12
C GLN B 79 -0.25 5.43 11.07
N THR B 80 -0.72 4.96 12.23
CA THR B 80 -1.47 3.72 12.23
C THR B 80 -2.83 3.89 11.53
N ARG B 81 -3.48 5.05 11.70
CA ARG B 81 -4.75 5.30 10.98
C ARG B 81 -4.58 5.21 9.45
N ARG B 82 -3.52 5.82 8.92
CA ARG B 82 -3.25 5.81 7.48
C ARG B 82 -2.85 4.41 7.00
N TRP B 83 -2.20 3.64 7.88
CA TRP B 83 -1.90 2.25 7.57
C TRP B 83 -3.20 1.46 7.40
N LEU B 84 -4.15 1.66 8.32
CA LEU B 84 -5.43 1.00 8.22
C LEU B 84 -6.25 1.51 7.03
N ALA B 85 -6.21 2.81 6.76
CA ALA B 85 -6.90 3.35 5.59
C ALA B 85 -6.41 2.69 4.30
N ARG B 86 -5.11 2.38 4.21
CA ARG B 86 -4.63 1.77 2.97
C ARG B 86 -5.22 0.34 2.77
N ALA B 87 -5.49 -0.40 3.84
CA ALA B 87 -6.18 -1.71 3.71
C ALA B 87 -7.54 -1.54 2.98
N ILE B 88 -8.26 -0.46 3.31
CA ILE B 88 -9.52 -0.14 2.67
C ILE B 88 -9.29 0.31 1.23
N TYR B 89 -8.34 1.24 1.05
CA TYR B 89 -8.06 1.78 -0.30
C TYR B 89 -7.74 0.67 -1.33
N ARG B 90 -6.96 -0.30 -0.90
CA ARG B 90 -6.59 -1.41 -1.82
C ARG B 90 -7.83 -2.14 -2.34
N VAL B 91 -8.81 -2.31 -1.44
CA VAL B 91 -10.10 -2.94 -1.82
C VAL B 91 -10.88 -2.03 -2.76
N GLU B 92 -11.00 -0.76 -2.40
CA GLU B 92 -11.71 0.20 -3.24
C GLU B 92 -11.13 0.26 -4.66
N GLU B 93 -9.80 0.34 -4.76
CA GLU B 93 -9.15 0.42 -6.08
C GLU B 93 -9.33 -0.88 -6.88
N ARG B 94 -9.40 -2.00 -6.17
CA ARG B 94 -9.68 -3.27 -6.82
C ARG B 94 -11.09 -3.35 -7.45
N PHE B 95 -12.09 -2.74 -6.80
CA PHE B 95 -13.49 -2.79 -7.27
C PHE B 95 -13.93 -1.61 -8.17
N MSE B 96 -13.20 -0.50 -8.16
CA MSE B 96 -13.66 0.64 -8.95
C MSE B 96 -13.43 0.44 -10.44
O MSE B 96 -12.44 -0.22 -10.83
CB MSE B 96 -13.09 1.98 -8.43
CG MSE B 96 -11.74 2.33 -8.83
SE MSE B 96 -11.20 4.13 -8.14
CE MSE B 96 -11.50 3.88 -6.21
N PRO B 97 -14.31 1.01 -11.28
CA PRO B 97 -14.13 0.98 -12.71
C PRO B 97 -12.78 1.63 -13.03
N ALA B 98 -12.01 1.05 -13.95
CA ALA B 98 -10.67 1.61 -14.26
C ALA B 98 -10.46 1.87 -15.74
N ALA B 99 -9.61 2.84 -16.10
CA ALA B 99 -9.36 3.16 -17.51
C ALA B 99 -8.85 1.96 -18.35
N ASP B 100 -7.94 1.16 -17.78
CA ASP B 100 -7.43 -0.07 -18.44
C ASP B 100 -6.91 0.14 -19.87
N LEU B 101 -6.16 1.22 -20.09
CA LEU B 101 -5.46 1.38 -21.38
C LEU B 101 -4.30 0.38 -21.48
N SER B 102 -4.12 -0.23 -22.64
CA SER B 102 -2.96 -1.10 -22.85
C SER B 102 -1.75 -0.32 -23.41
N ARG B 103 -2.07 0.80 -24.06
CA ARG B 103 -1.10 1.69 -24.71
C ARG B 103 -1.49 3.13 -24.40
N ALA B 104 -0.51 3.97 -24.11
CA ALA B 104 -0.76 5.39 -23.84
C ALA B 104 -1.46 6.04 -25.03
N LEU B 105 -2.44 6.89 -24.73
CA LEU B 105 -3.03 7.79 -25.74
C LEU B 105 -1.98 8.80 -26.14
N SER B 106 -2.06 9.29 -27.39
CA SER B 106 -1.23 10.44 -27.76
C SER B 106 -1.68 11.62 -26.90
N GLU B 107 -0.84 12.64 -26.78
CA GLU B 107 -1.25 13.83 -26.01
CA GLU B 107 -1.20 13.86 -26.07
C GLU B 107 -2.53 14.43 -26.61
N GLU B 108 -2.67 14.44 -27.95
CA GLU B 108 -3.92 14.95 -28.56
C GLU B 108 -5.15 14.13 -28.14
N ASP B 109 -5.02 12.82 -28.12
CA ASP B 109 -6.16 11.98 -27.73
C ASP B 109 -6.46 12.04 -26.21
N PHE B 110 -5.42 12.15 -25.41
CA PHE B 110 -5.53 12.30 -23.94
C PHE B 110 -6.32 13.61 -23.63
N GLN B 111 -5.93 14.69 -24.30
CA GLN B 111 -6.57 15.99 -24.18
CA GLN B 111 -6.60 15.98 -24.14
C GLN B 111 -8.05 15.91 -24.58
N LYS B 112 -8.31 15.23 -25.68
CA LYS B 112 -9.67 15.01 -26.18
CA LYS B 112 -9.68 15.03 -26.17
C LYS B 112 -10.49 14.25 -25.13
N ARG B 113 -9.91 13.22 -24.54
CA ARG B 113 -10.64 12.46 -23.54
C ARG B 113 -10.95 13.32 -22.31
N LEU B 114 -9.98 14.15 -21.89
CA LEU B 114 -10.21 15.06 -20.76
C LEU B 114 -11.36 16.02 -21.06
N GLU B 115 -11.35 16.58 -22.26
CA GLU B 115 -12.39 17.53 -22.70
C GLU B 115 -13.77 16.85 -22.71
N GLN B 116 -13.81 15.62 -23.23
CA GLN B 116 -15.04 14.82 -23.22
C GLN B 116 -15.55 14.54 -21.82
N GLU B 117 -14.68 14.08 -20.93
CA GLU B 117 -15.06 13.83 -19.53
C GLU B 117 -15.61 15.08 -18.83
N ILE B 118 -14.94 16.20 -19.00
CA ILE B 118 -15.39 17.44 -18.41
C ILE B 118 -16.76 17.90 -18.99
N ALA B 119 -16.91 17.81 -20.31
CA ALA B 119 -18.19 18.12 -20.96
C ALA B 119 -19.32 17.19 -20.46
N ALA B 120 -19.04 15.90 -20.31
CA ALA B 120 -20.06 14.95 -19.83
C ALA B 120 -20.49 15.28 -18.40
N GLN B 121 -19.54 15.78 -17.60
CA GLN B 121 -19.83 16.11 -16.20
C GLN B 121 -20.73 17.37 -16.12
N SER B 122 -20.47 18.29 -17.05
CA SER B 122 -21.21 19.57 -17.18
C SER B 122 -21.47 20.22 -15.81
N ARG B 123 -20.38 20.50 -15.11
CA ARG B 123 -20.48 21.01 -13.73
C ARG B 123 -21.27 22.32 -13.65
N GLU B 124 -21.07 23.19 -14.64
CA GLU B 124 -21.75 24.48 -14.64
C GLU B 124 -23.29 24.37 -14.75
N ARG B 125 -23.79 23.24 -15.25
CA ARG B 125 -25.26 23.04 -15.36
C ARG B 125 -25.89 22.22 -14.23
N HIS B 126 -25.09 21.76 -13.26
CA HIS B 126 -25.69 21.08 -12.11
C HIS B 126 -26.77 21.96 -11.47
N PRO B 127 -27.95 21.39 -11.19
CA PRO B 127 -28.99 22.19 -10.52
C PRO B 127 -28.54 23.01 -9.30
N MSE B 128 -27.66 22.49 -8.45
CA MSE B 128 -27.13 23.22 -7.27
C MSE B 128 -26.47 24.52 -7.72
O MSE B 128 -26.75 25.60 -7.21
CB MSE B 128 -26.06 22.39 -6.49
CG MSE B 128 -25.48 23.02 -5.17
SE MSE B 128 -23.79 22.12 -4.56
CE MSE B 128 -22.47 22.62 -5.89
N SER B 129 -25.57 24.38 -8.68
CA SER B 129 -24.85 25.51 -9.22
C SER B 129 -25.79 26.52 -9.87
N GLN B 130 -26.65 26.03 -10.75
CA GLN B 130 -27.56 26.92 -11.46
C GLN B 130 -28.47 27.66 -10.50
N TYR B 131 -28.91 26.95 -9.47
CA TYR B 131 -29.85 27.51 -8.53
C TYR B 131 -29.22 28.71 -7.84
N VAL B 132 -27.95 28.54 -7.39
CA VAL B 132 -27.21 29.63 -6.74
C VAL B 132 -26.84 30.74 -7.73
N PHE B 133 -26.32 30.35 -8.89
CA PHE B 133 -25.90 31.35 -9.93
C PHE B 133 -27.07 32.25 -10.32
N SER B 134 -28.29 31.71 -10.28
CA SER B 134 -29.44 32.42 -10.81
C SER B 134 -30.07 33.35 -9.77
N GLY B 135 -29.53 33.34 -8.55
CA GLY B 135 -30.03 34.17 -7.45
C GLY B 135 -31.31 33.61 -6.86
N SER B 136 -31.52 32.31 -6.99
CA SER B 136 -32.74 31.69 -6.51
C SER B 136 -32.68 31.26 -5.05
N ALA B 137 -31.49 31.19 -4.47
CA ALA B 137 -31.36 30.68 -3.10
C ALA B 137 -31.74 31.71 -2.01
N SER B 138 -32.61 31.28 -1.12
CA SER B 138 -32.93 32.05 0.08
C SER B 138 -31.70 32.09 0.99
N ARG B 139 -31.75 32.90 2.05
CA ARG B 139 -30.67 32.88 3.06
C ARG B 139 -30.40 31.46 3.57
N ALA B 140 -31.44 30.71 3.93
CA ALA B 140 -31.26 29.35 4.47
C ALA B 140 -30.60 28.42 3.46
N GLN B 141 -30.96 28.55 2.19
CA GLN B 141 -30.45 27.65 1.17
C GLN B 141 -29.00 28.01 0.90
N LEU B 142 -28.73 29.31 0.91
CA LEU B 142 -27.35 29.81 0.85
C LEU B 142 -26.48 29.22 2.00
N GLN B 143 -27.05 29.18 3.21
CA GLN B 143 -26.33 28.61 4.37
C GLN B 143 -26.00 27.15 4.16
N VAL B 144 -26.97 26.39 3.63
CA VAL B 144 -26.73 24.98 3.28
C VAL B 144 -25.56 24.91 2.30
N PHE B 145 -25.62 25.71 1.23
CA PHE B 145 -24.59 25.65 0.21
C PHE B 145 -23.22 25.93 0.85
N LEU B 146 -23.16 26.95 1.69
CA LEU B 146 -21.90 27.37 2.30
C LEU B 146 -21.39 26.45 3.38
N ARG B 147 -22.29 25.81 4.14
CA ARG B 147 -21.82 24.80 5.11
CA ARG B 147 -21.87 24.76 5.09
C ARG B 147 -21.07 23.70 4.38
N HIS B 148 -21.57 23.28 3.21
CA HIS B 148 -20.85 22.23 2.43
C HIS B 148 -19.60 22.73 1.70
N GLN B 149 -19.64 23.98 1.22
CA GLN B 149 -18.42 24.64 0.71
C GLN B 149 -17.29 24.58 1.76
N TRP B 150 -17.66 24.85 3.01
CA TRP B 150 -16.70 24.76 4.12
C TRP B 150 -15.97 23.40 4.15
N PHE B 151 -16.74 22.33 4.13
CA PHE B 151 -16.13 20.99 4.17
C PHE B 151 -15.14 20.77 3.00
N ARG B 152 -15.51 21.23 1.81
CA ARG B 152 -14.63 21.11 0.63
C ARG B 152 -13.33 21.93 0.78
N THR B 153 -13.45 23.12 1.33
CA THR B 153 -12.38 24.10 1.33
C THR B 153 -11.43 23.96 2.52
N PHE B 154 -11.99 23.74 3.73
CA PHE B 154 -11.26 24.10 4.94
C PHE B 154 -9.94 23.33 5.12
N ARG B 155 -9.82 22.08 4.61
CA ARG B 155 -8.55 21.34 4.72
C ARG B 155 -7.99 20.87 3.37
N LEU B 156 -8.42 21.50 2.29
CA LEU B 156 -7.90 21.17 0.97
C LEU B 156 -6.38 21.32 0.92
N TYR B 157 -5.84 22.38 1.55
CA TYR B 157 -4.39 22.57 1.59
C TYR B 157 -3.64 21.34 2.14
N ARG B 158 -4.25 20.60 3.07
CA ARG B 158 -3.59 19.41 3.63
C ARG B 158 -3.49 18.29 2.58
N ASP B 159 -4.51 18.13 1.76
CA ASP B 159 -4.46 17.08 0.72
C ASP B 159 -3.36 17.50 -0.30
N ALA B 160 -3.28 18.78 -0.64
CA ALA B 160 -2.19 19.28 -1.53
C ALA B 160 -0.83 19.07 -0.89
N ALA B 161 -0.73 19.25 0.42
CA ALA B 161 0.55 18.95 1.11
C ALA B 161 0.97 17.47 0.98
N ASP B 162 0.01 16.55 1.04
CA ASP B 162 0.33 15.13 0.87
C ASP B 162 0.92 14.85 -0.53
N LEU B 163 0.44 15.56 -1.55
CA LEU B 163 0.96 15.38 -2.89
C LEU B 163 2.39 15.96 -2.94
N LEU B 164 2.59 17.11 -2.30
CA LEU B 164 3.92 17.74 -2.24
C LEU B 164 4.93 16.74 -1.68
N VAL B 165 4.56 16.02 -0.61
CA VAL B 165 5.45 15.06 0.06
C VAL B 165 5.85 13.94 -0.90
N ASN B 166 4.95 13.60 -1.82
CA ASN B 166 5.21 12.50 -2.78
C ASN B 166 5.85 12.95 -4.09
N LEU B 167 6.08 14.25 -4.25
CA LEU B 167 6.79 14.74 -5.45
C LEU B 167 8.29 14.83 -5.15
N THR B 168 9.02 13.76 -5.51
CA THR B 168 10.47 13.66 -5.19
C THR B 168 11.36 14.66 -5.97
N ASP B 169 10.90 15.08 -7.15
CA ASP B 169 11.66 16.08 -7.95
C ASP B 169 11.52 17.46 -7.27
N VAL B 170 12.65 18.11 -6.97
CA VAL B 170 12.66 19.35 -6.20
C VAL B 170 11.85 20.45 -6.92
N ASP B 171 11.94 20.48 -8.26
CA ASP B 171 11.18 21.47 -9.07
C ASP B 171 9.66 21.26 -8.96
N GLU B 172 9.27 20.00 -8.79
CA GLU B 172 7.84 19.69 -8.70
C GLU B 172 7.30 20.01 -7.31
N ALA B 173 8.08 19.67 -6.30
CA ALA B 173 7.79 20.09 -4.92
C ALA B 173 7.69 21.63 -4.82
N ALA B 174 8.64 22.33 -5.45
CA ALA B 174 8.59 23.80 -5.54
C ALA B 174 7.24 24.29 -6.08
N ALA B 175 6.71 23.64 -7.11
CA ALA B 175 5.42 24.06 -7.68
C ALA B 175 4.25 23.94 -6.67
N LEU B 176 4.26 22.84 -5.92
CA LEU B 176 3.22 22.60 -4.91
C LEU B 176 3.44 23.51 -3.71
N ALA B 177 4.69 23.84 -3.41
CA ALA B 177 4.99 24.81 -2.34
C ALA B 177 4.47 26.20 -2.71
N ARG B 178 4.57 26.59 -3.99
CA ARG B 178 4.00 27.85 -4.43
C ARG B 178 2.49 27.85 -4.26
N TYR B 179 1.87 26.73 -4.63
CA TYR B 179 0.43 26.58 -4.44
C TYR B 179 0.02 26.72 -2.97
N LEU B 180 0.72 26.00 -2.08
CA LEU B 180 0.42 26.06 -0.64
C LEU B 180 0.58 27.44 -0.05
N TYR B 181 1.67 28.12 -0.44
CA TYR B 181 1.90 29.51 -0.05
C TYR B 181 0.72 30.39 -0.40
N GLY B 182 0.23 30.30 -1.65
CA GLY B 182 -0.92 31.10 -2.06
C GLY B 182 -2.17 30.72 -1.26
N GLU B 183 -2.43 29.42 -1.14
CA GLU B 183 -3.59 28.91 -0.40
C GLU B 183 -3.62 29.31 1.08
N LEU B 184 -2.44 29.42 1.68
CA LEU B 184 -2.36 29.74 3.09
C LEU B 184 -2.10 31.23 3.37
N GLY B 185 -2.35 32.10 2.38
CA GLY B 185 -2.35 33.54 2.60
C GLY B 185 -1.06 34.32 2.37
N GLU B 186 -0.08 33.64 1.79
CA GLU B 186 1.23 34.21 1.45
C GLU B 186 1.90 34.75 2.72
N GLU B 187 2.11 36.07 2.84
CA GLU B 187 2.78 36.59 4.04
C GLU B 187 1.85 36.71 5.24
N ASP B 188 0.54 36.61 5.02
CA ASP B 188 -0.39 36.84 6.10
C ASP B 188 -1.38 35.69 6.26
N GLU B 189 -1.20 34.90 7.32
CA GLU B 189 -2.07 33.77 7.63
C GLU B 189 -3.53 34.18 7.87
N LYS B 190 -3.76 35.45 8.25
CA LYS B 190 -5.13 35.94 8.36
C LYS B 190 -5.83 35.87 7.01
N GLY B 191 -5.05 35.82 5.93
CA GLY B 191 -5.61 35.73 4.60
C GLY B 191 -5.60 34.33 3.98
N SER B 192 -5.35 33.28 4.78
CA SER B 192 -5.45 31.91 4.24
C SER B 192 -6.84 31.70 3.65
N HIS B 193 -6.95 30.86 2.62
CA HIS B 193 -8.27 30.65 2.02
C HIS B 193 -9.34 30.08 2.96
N PRO B 194 -8.96 29.12 3.85
CA PRO B 194 -9.92 28.69 4.88
C PRO B 194 -10.38 29.87 5.76
N ARG B 195 -9.47 30.76 6.15
CA ARG B 195 -9.88 31.96 6.93
C ARG B 195 -10.74 32.96 6.15
N LEU B 196 -10.45 33.11 4.85
CA LEU B 196 -11.30 33.95 3.99
C LEU B 196 -12.71 33.37 3.91
N LEU B 197 -12.84 32.07 3.67
CA LEU B 197 -14.15 31.41 3.69
C LEU B 197 -14.85 31.53 5.06
N ALA B 198 -14.09 31.39 6.14
CA ALA B 198 -14.62 31.60 7.51
C ALA B 198 -15.30 32.98 7.64
N LYS B 199 -14.66 34.02 7.11
CA LYS B 199 -15.23 35.38 7.09
C LYS B 199 -16.60 35.43 6.42
N LEU B 200 -16.71 34.76 5.27
CA LEU B 200 -17.95 34.64 4.53
C LEU B 200 -19.04 33.88 5.31
N LEU B 201 -18.71 32.71 5.88
CA LEU B 201 -19.68 31.97 6.71
C LEU B 201 -20.22 32.84 7.88
N GLU B 202 -19.31 33.55 8.55
CA GLU B 202 -19.67 34.41 9.70
C GLU B 202 -20.61 35.52 9.26
N ALA B 203 -20.34 36.08 8.08
CA ALA B 203 -21.14 37.16 7.51
C ALA B 203 -22.58 36.73 7.22
N ILE B 204 -22.79 35.44 7.00
CA ILE B 204 -24.12 34.89 6.81
C ILE B 204 -24.63 34.11 8.05
N GLY B 205 -23.99 34.35 9.19
CA GLY B 205 -24.48 33.82 10.47
C GLY B 205 -24.18 32.36 10.77
N LEU B 206 -23.13 31.83 10.14
CA LEU B 206 -22.72 30.46 10.39
C LEU B 206 -21.38 30.39 11.13
N GLU B 207 -21.21 29.37 11.96
CA GLU B 207 -19.91 29.11 12.59
C GLU B 207 -18.98 28.38 11.61
N ALA B 208 -17.74 28.82 11.52
CA ALA B 208 -16.77 28.10 10.69
C ALA B 208 -15.89 27.20 11.56
N ASP B 209 -16.27 25.92 11.63
CA ASP B 209 -15.68 25.02 12.61
C ASP B 209 -14.49 24.26 12.04
N PHE B 210 -13.29 24.55 12.56
CA PHE B 210 -12.06 23.89 12.08
C PHE B 210 -11.97 22.42 12.54
N GLN B 211 -12.91 22.02 13.39
CA GLN B 211 -13.05 20.62 13.81
CA GLN B 211 -13.04 20.63 13.80
C GLN B 211 -14.34 20.01 13.25
N ALA B 212 -14.85 20.60 12.16
CA ALA B 212 -16.06 20.14 11.49
C ALA B 212 -16.00 18.66 11.15
N VAL B 213 -17.10 17.96 11.44
CA VAL B 213 -17.22 16.54 11.14
C VAL B 213 -18.54 16.34 10.40
N SER B 214 -18.44 15.91 9.15
CA SER B 214 -19.62 15.72 8.29
C SER B 214 -20.55 14.61 8.79
N THR B 215 -21.84 14.80 8.60
CA THR B 215 -22.79 13.71 8.77
C THR B 215 -23.49 13.34 7.45
N MSE B 216 -23.01 13.88 6.33
CA MSE B 216 -23.66 13.59 5.05
C MSE B 216 -22.90 12.46 4.32
O MSE B 216 -21.74 12.62 4.01
CB MSE B 216 -23.71 14.87 4.19
CG MSE B 216 -24.24 14.60 2.77
SE MSE B 216 -24.26 16.19 1.63
CE MSE B 216 -26.01 16.97 2.17
N PRO B 217 -23.54 11.31 4.11
CA PRO B 217 -22.81 10.17 3.54
C PRO B 217 -22.07 10.50 2.23
N GLU B 218 -22.69 11.30 1.38
CA GLU B 218 -22.07 11.59 0.08
C GLU B 218 -20.89 12.56 0.22
N GLU B 219 -20.94 13.41 1.25
CA GLU B 219 -19.87 14.34 1.53
C GLU B 219 -18.69 13.59 2.09
N ILE B 220 -18.97 12.66 2.99
CA ILE B 220 -17.97 11.77 3.56
C ILE B 220 -17.27 10.97 2.46
N ALA B 221 -18.05 10.41 1.54
CA ALA B 221 -17.49 9.68 0.41
C ALA B 221 -16.57 10.60 -0.44
N TYR B 222 -17.00 11.85 -0.66
CA TYR B 222 -16.22 12.79 -1.46
C TYR B 222 -14.90 13.11 -0.78
N LEU B 223 -14.96 13.44 0.50
CA LEU B 223 -13.73 13.78 1.26
C LEU B 223 -12.78 12.58 1.41
N ASN B 224 -13.34 11.40 1.69
CA ASN B 224 -12.52 10.17 1.76
C ASN B 224 -11.78 9.94 0.41
N ASN B 225 -12.49 10.11 -0.69
CA ASN B 225 -11.89 9.90 -2.01
C ASN B 225 -10.81 10.91 -2.32
N ARG B 226 -11.07 12.19 -2.02
CA ARG B 226 -10.08 13.22 -2.33
C ARG B 226 -8.78 12.97 -1.55
N ALA B 227 -8.89 12.66 -0.24
CA ALA B 227 -7.75 12.33 0.60
C ALA B 227 -6.98 11.13 0.02
N ARG B 228 -7.69 10.05 -0.29
CA ARG B 228 -7.09 8.87 -0.94
C ARG B 228 -6.25 9.26 -2.17
N ALA B 229 -6.88 10.02 -3.07
CA ALA B 229 -6.26 10.40 -4.36
C ALA B 229 -4.99 11.22 -4.15
N PHE B 230 -5.10 12.25 -3.29
CA PHE B 230 -3.92 13.09 -3.02
C PHE B 230 -2.78 12.38 -2.24
N ARG B 231 -3.11 11.35 -1.48
CA ARG B 231 -2.11 10.58 -0.71
C ARG B 231 -1.49 9.43 -1.50
N HIS B 232 -2.04 9.17 -2.66
CA HIS B 232 -1.65 7.89 -3.40
C HIS B 232 -0.20 7.97 -3.87
N ALA B 233 0.53 6.88 -3.72
CA ALA B 233 1.93 6.78 -4.15
C ALA B 233 2.07 6.97 -5.67
N GLU B 234 1.03 6.65 -6.43
CA GLU B 234 1.04 6.94 -7.90
C GLU B 234 0.42 8.31 -8.11
N VAL B 235 1.28 9.34 -8.34
CA VAL B 235 0.86 10.72 -8.27
C VAL B 235 -0.14 11.11 -9.37
N GLY B 236 -0.34 10.24 -10.39
CA GLY B 236 -1.41 10.43 -11.39
C GLY B 236 -2.76 10.62 -10.68
N TRP B 237 -2.95 9.92 -9.56
CA TRP B 237 -4.28 10.00 -8.89
C TRP B 237 -4.50 11.42 -8.33
N GLY B 238 -3.49 11.95 -7.67
CA GLY B 238 -3.60 13.28 -7.03
C GLY B 238 -3.52 14.41 -8.04
N LEU B 239 -2.74 14.21 -9.10
CA LEU B 239 -2.62 15.22 -10.16
C LEU B 239 -3.94 15.43 -10.86
N ALA B 240 -4.71 14.34 -11.03
CA ALA B 240 -6.06 14.42 -11.63
C ALA B 240 -7.00 15.29 -10.84
N VAL B 241 -7.04 15.08 -9.51
CA VAL B 241 -7.90 15.90 -8.66
C VAL B 241 -7.38 17.34 -8.57
N PHE B 242 -6.06 17.53 -8.49
CA PHE B 242 -5.48 18.88 -8.50
C PHE B 242 -5.86 19.63 -9.79
N TYR B 243 -5.71 18.93 -10.90
CA TYR B 243 -6.07 19.44 -12.22
C TYR B 243 -7.51 19.96 -12.30
N ILE B 244 -8.44 19.13 -11.90
CA ILE B 244 -9.83 19.46 -12.07
C ILE B 244 -10.29 20.52 -11.06
N THR B 245 -9.54 20.64 -9.98
CA THR B 245 -9.87 21.57 -8.93
C THR B 245 -9.25 22.95 -9.15
N GLU B 246 -7.97 22.97 -9.53
CA GLU B 246 -7.19 24.19 -9.52
CA GLU B 246 -7.16 24.19 -9.50
C GLU B 246 -6.74 24.66 -10.89
N LEU B 247 -6.56 23.71 -11.80
CA LEU B 247 -6.11 24.03 -13.16
CA LEU B 247 -6.12 24.07 -13.15
C LEU B 247 -7.28 24.44 -14.07
N VAL B 248 -8.38 23.70 -14.00
CA VAL B 248 -9.55 24.00 -14.82
C VAL B 248 -10.52 24.81 -13.98
N HIS B 253 -16.54 30.20 -9.59
CA HIS B 253 -16.25 31.10 -8.48
C HIS B 253 -16.67 32.53 -8.74
N GLU B 254 -16.41 33.01 -9.95
CA GLU B 254 -16.85 34.33 -10.36
C GLU B 254 -18.38 34.45 -10.32
N LYS B 255 -19.06 33.43 -10.86
CA LYS B 255 -20.52 33.32 -10.86
C LYS B 255 -21.10 33.32 -9.43
N LEU B 256 -20.41 32.62 -8.51
CA LEU B 256 -20.81 32.63 -7.10
C LEU B 256 -20.54 33.97 -6.43
N TYR B 257 -19.38 34.58 -6.75
CA TYR B 257 -19.04 35.91 -6.27
C TYR B 257 -20.13 36.92 -6.66
N ARG B 258 -20.53 36.93 -7.93
CA ARG B 258 -21.61 37.82 -8.41
C ARG B 258 -22.92 37.61 -7.66
N ALA B 259 -23.30 36.34 -7.51
CA ALA B 259 -24.55 35.96 -6.87
C ALA B 259 -24.58 36.43 -5.42
N LEU B 260 -23.43 36.35 -4.74
CA LEU B 260 -23.33 36.80 -3.33
C LEU B 260 -23.44 38.31 -3.16
N LEU B 261 -22.76 39.05 -4.02
CA LEU B 261 -22.92 40.52 -4.07
C LEU B 261 -24.37 40.92 -4.38
N GLN B 262 -24.99 40.29 -5.38
CA GLN B 262 -26.38 40.63 -5.70
CA GLN B 262 -26.39 40.56 -5.73
C GLN B 262 -27.34 40.24 -4.57
N ALA B 263 -26.90 39.34 -3.70
CA ALA B 263 -27.70 38.87 -2.56
C ALA B 263 -27.56 39.75 -1.30
N GLY B 264 -26.59 40.65 -1.30
CA GLY B 264 -26.43 41.58 -0.18
C GLY B 264 -25.10 41.57 0.53
N LEU B 265 -24.29 40.55 0.30
CA LEU B 265 -22.92 40.46 0.85
C LEU B 265 -21.99 41.53 0.25
N SER B 266 -21.07 42.07 1.06
CA SER B 266 -20.09 43.05 0.57
C SER B 266 -18.94 42.36 -0.16
N GLU B 267 -18.20 43.12 -0.97
CA GLU B 267 -16.99 42.58 -1.60
CA GLU B 267 -17.00 42.59 -1.59
C GLU B 267 -16.05 42.01 -0.53
N ASP B 268 -15.93 42.69 0.60
CA ASP B 268 -15.02 42.18 1.63
C ASP B 268 -15.52 40.86 2.22
N GLN B 269 -16.82 40.74 2.45
CA GLN B 269 -17.35 39.50 3.02
C GLN B 269 -17.20 38.32 2.06
N ALA B 270 -17.36 38.59 0.76
CA ALA B 270 -17.30 37.59 -0.31
C ALA B 270 -15.88 37.39 -0.93
N GLU B 271 -14.86 37.92 -0.26
CA GLU B 271 -13.49 37.91 -0.77
C GLU B 271 -13.03 36.50 -1.17
N TYR B 272 -13.47 35.51 -0.41
CA TYR B 272 -13.10 34.12 -0.69
C TYR B 272 -13.30 33.77 -2.17
N TYR B 273 -14.45 34.11 -2.74
CA TYR B 273 -14.70 33.80 -4.13
C TYR B 273 -13.96 34.69 -5.15
N LYS B 274 -13.70 35.96 -4.79
CA LYS B 274 -12.94 36.88 -5.66
C LYS B 274 -11.50 36.42 -5.90
N VAL B 275 -10.82 35.99 -4.85
CA VAL B 275 -9.39 35.61 -4.99
C VAL B 275 -9.14 34.41 -5.91
N HIS B 276 -10.17 33.61 -6.18
CA HIS B 276 -10.03 32.47 -7.09
C HIS B 276 -10.43 32.75 -8.55
N ILE B 277 -10.98 33.94 -8.81
CA ILE B 277 -11.37 34.32 -10.17
C ILE B 277 -10.10 34.39 -11.04
N SER B 278 -10.12 33.65 -12.13
CA SER B 278 -9.01 33.60 -13.10
C SER B 278 -9.56 33.31 -14.50
N LEU B 279 -8.83 33.77 -15.53
CA LEU B 279 -9.20 33.47 -16.91
C LEU B 279 -8.05 32.77 -17.65
N VAL B 280 -6.99 32.45 -16.89
CA VAL B 280 -5.82 31.76 -17.44
C VAL B 280 -6.19 30.32 -17.77
N PRO B 281 -6.03 29.91 -19.05
CA PRO B 281 -6.38 28.53 -19.46
C PRO B 281 -5.52 27.50 -18.72
N PRO B 282 -6.07 26.29 -18.50
CA PRO B 282 -5.38 25.25 -17.69
C PRO B 282 -3.95 24.94 -18.19
N ARG B 283 -3.77 24.86 -19.51
CA ARG B 283 -2.45 24.58 -20.11
CA ARG B 283 -2.46 24.59 -20.12
C ARG B 283 -1.42 25.67 -19.85
N ALA B 284 -1.88 26.87 -19.50
CA ALA B 284 -0.99 28.02 -19.28
C ALA B 284 -0.42 28.09 -17.86
N LYS B 285 -0.99 27.31 -16.96
CA LYS B 285 -0.58 27.32 -15.57
C LYS B 285 0.63 26.43 -15.46
N ARG B 286 1.63 26.87 -14.69
CA ARG B 286 2.90 26.14 -14.58
C ARG B 286 2.73 24.71 -14.02
N GLU B 287 1.68 24.49 -13.23
CA GLU B 287 1.39 23.17 -12.69
C GLU B 287 1.00 22.16 -13.76
N TRP B 288 0.51 22.65 -14.91
CA TRP B 288 0.16 21.75 -15.99
C TRP B 288 1.34 20.92 -16.47
N GLN B 289 2.55 21.45 -16.33
CA GLN B 289 3.76 20.71 -16.74
C GLN B 289 3.98 19.41 -15.97
N LEU B 290 3.54 19.36 -14.70
CA LEU B 290 3.54 18.09 -13.92
C LEU B 290 2.79 16.99 -14.67
N ILE B 291 1.67 17.37 -15.27
CA ILE B 291 0.86 16.43 -16.05
C ILE B 291 1.46 16.20 -17.43
N ALA B 292 1.77 17.28 -18.14
CA ALA B 292 2.27 17.20 -19.53
C ALA B 292 3.49 16.27 -19.63
N ARG B 293 4.44 16.41 -18.71
CA ARG B 293 5.63 15.56 -18.66
C ARG B 293 5.35 14.04 -18.62
N ARG B 294 4.28 13.65 -17.90
CA ARG B 294 3.98 12.25 -17.61
C ARG B 294 3.03 11.59 -18.63
N ILE B 295 2.43 12.38 -19.51
CA ILE B 295 1.41 11.86 -20.45
C ILE B 295 1.84 10.58 -21.25
N PRO B 296 3.10 10.53 -21.74
CA PRO B 296 3.49 9.34 -22.52
C PRO B 296 3.51 8.03 -21.77
N ASP B 297 3.45 8.08 -20.43
CA ASP B 297 3.45 6.88 -19.59
C ASP B 297 2.05 6.29 -19.40
N VAL B 298 1.80 5.12 -19.98
CA VAL B 298 0.43 4.52 -19.86
C VAL B 298 -0.02 4.27 -18.39
N GLN B 299 0.91 3.98 -17.49
CA GLN B 299 0.55 3.75 -16.08
C GLN B 299 0.05 5.05 -15.44
N PHE B 300 0.68 6.16 -15.81
CA PHE B 300 0.22 7.48 -15.37
C PHE B 300 -1.16 7.77 -15.94
N GLN B 301 -1.34 7.56 -17.26
CA GLN B 301 -2.66 7.81 -17.87
C GLN B 301 -3.74 7.02 -17.20
N ASN B 302 -3.47 5.74 -16.94
CA ASN B 302 -4.49 4.92 -16.28
C ASN B 302 -4.86 5.42 -14.88
N ALA B 303 -3.87 5.79 -14.06
CA ALA B 303 -4.15 6.35 -12.73
C ALA B 303 -4.93 7.67 -12.89
N PHE B 304 -4.42 8.54 -13.76
CA PHE B 304 -5.03 9.86 -13.93
C PHE B 304 -6.51 9.73 -14.37
N LEU B 305 -6.76 8.94 -15.42
CA LEU B 305 -8.10 8.87 -16.00
C LEU B 305 -9.06 8.12 -15.06
N THR B 306 -8.55 7.08 -14.39
CA THR B 306 -9.33 6.39 -13.32
C THR B 306 -9.72 7.35 -12.17
N SER B 307 -8.75 8.14 -11.73
CA SER B 307 -8.94 9.06 -10.62
C SER B 307 -9.99 10.12 -11.05
N LEU B 308 -9.83 10.67 -12.25
CA LEU B 308 -10.76 11.72 -12.72
C LEU B 308 -12.19 11.21 -12.76
N SER B 309 -12.37 9.99 -13.32
CA SER B 309 -13.68 9.35 -13.49
CA SER B 309 -13.69 9.40 -13.47
C SER B 309 -14.31 9.12 -12.10
N GLN B 310 -13.52 8.62 -11.17
CA GLN B 310 -14.00 8.34 -9.82
C GLN B 310 -14.35 9.65 -9.10
N HIS B 311 -13.49 10.65 -9.25
CA HIS B 311 -13.73 11.93 -8.62
C HIS B 311 -15.07 12.50 -9.08
N PHE B 312 -15.28 12.47 -10.40
CA PHE B 312 -16.54 12.98 -10.95
C PHE B 312 -17.76 12.23 -10.39
N ARG B 313 -17.66 10.90 -10.25
CA ARG B 313 -18.80 10.12 -9.76
C ARG B 313 -19.09 10.56 -8.32
N VAL B 314 -18.06 10.65 -7.48
CA VAL B 314 -18.35 11.04 -6.08
C VAL B 314 -18.78 12.50 -5.96
N GLU B 315 -18.24 13.36 -6.82
CA GLU B 315 -18.62 14.77 -6.80
C GLU B 315 -20.10 14.91 -7.20
N ARG B 316 -20.51 14.18 -8.24
CA ARG B 316 -21.92 14.29 -8.70
C ARG B 316 -22.92 13.81 -7.61
N ALA B 317 -22.63 12.68 -6.98
CA ALA B 317 -23.50 12.15 -5.90
C ALA B 317 -23.58 13.16 -4.74
N TYR B 318 -22.45 13.78 -4.43
CA TYR B 318 -22.34 14.78 -3.36
C TYR B 318 -23.15 16.06 -3.71
N TYR B 319 -22.91 16.63 -4.89
CA TYR B 319 -23.71 17.81 -5.35
C TYR B 319 -25.25 17.51 -5.41
N ASP B 320 -25.60 16.31 -5.89
CA ASP B 320 -27.00 15.86 -5.84
C ASP B 320 -27.57 15.87 -4.42
N ALA B 321 -26.78 15.40 -3.46
CA ALA B 321 -27.19 15.37 -2.05
C ALA B 321 -27.37 16.77 -1.45
N ILE B 322 -26.44 17.68 -1.78
CA ILE B 322 -26.54 19.07 -1.34
C ILE B 322 -27.80 19.73 -1.92
N TRP B 323 -28.02 19.55 -3.22
CA TRP B 323 -29.24 20.02 -3.91
C TRP B 323 -30.52 19.53 -3.20
N GLU B 324 -30.59 18.25 -2.89
CA GLU B 324 -31.76 17.72 -2.21
CA GLU B 324 -31.71 17.65 -2.14
C GLU B 324 -31.90 18.38 -0.81
N GLU B 325 -30.81 18.57 -0.08
CA GLU B 325 -30.89 19.30 1.20
C GLU B 325 -31.42 20.76 1.02
N MSE B 326 -30.87 21.48 0.05
CA MSE B 326 -31.30 22.85 -0.27
C MSE B 326 -32.80 22.95 -0.60
O MSE B 326 -33.46 23.90 -0.17
CB MSE B 326 -30.50 23.40 -1.44
CG MSE B 326 -29.03 23.66 -1.10
SE MSE B 326 -28.01 24.23 -2.65
CE MSE B 326 -29.03 25.77 -3.05
N GLN B 327 -33.31 21.97 -1.35
CA GLN B 327 -34.75 21.96 -1.67
C GLN B 327 -35.60 21.68 -0.40
N SER B 328 -35.02 20.94 0.55
CA SER B 328 -35.76 20.52 1.75
CA SER B 328 -35.72 20.50 1.78
C SER B 328 -35.81 21.58 2.85
N VAL B 329 -34.95 22.59 2.75
CA VAL B 329 -34.98 23.65 3.77
C VAL B 329 -35.99 24.74 3.40
N ASN C 4 -2.67 -5.30 -14.38
CA ASN C 4 -1.62 -5.66 -13.38
CA ASN C 4 -1.70 -5.49 -13.23
C ASN C 4 -2.07 -6.64 -12.26
N THR C 5 -3.36 -6.94 -12.18
CA THR C 5 -3.94 -7.90 -11.23
C THR C 5 -3.16 -9.20 -11.23
N ARG C 6 -2.67 -9.61 -10.05
CA ARG C 6 -1.58 -10.59 -9.98
C ARG C 6 -1.89 -11.95 -10.56
N ASN C 7 -3.19 -12.31 -10.54
CA ASN C 7 -3.60 -13.67 -10.98
C ASN C 7 -4.30 -13.62 -12.34
N PHE C 8 -4.08 -12.53 -13.08
CA PHE C 8 -4.56 -12.46 -14.46
C PHE C 8 -3.49 -13.02 -15.37
N SER C 9 -3.88 -13.47 -16.55
CA SER C 9 -2.94 -14.16 -17.42
C SER C 9 -1.76 -13.30 -17.93
N LEU C 10 -2.02 -12.11 -18.46
CA LEU C 10 -0.92 -11.32 -19.07
CA LEU C 10 -0.94 -11.33 -19.07
C LEU C 10 0.12 -10.89 -18.04
N PRO C 11 -0.31 -10.39 -16.86
CA PRO C 11 0.69 -10.06 -15.81
C PRO C 11 1.56 -11.28 -15.39
N GLN C 12 0.95 -12.46 -15.29
CA GLN C 12 1.72 -13.67 -14.99
C GLN C 12 2.67 -14.07 -16.13
N LEU C 13 2.20 -13.98 -17.37
CA LEU C 13 3.05 -14.31 -18.54
C LEU C 13 4.22 -13.35 -18.70
N GLN C 14 3.97 -12.07 -18.40
CA GLN C 14 5.05 -11.07 -18.45
C GLN C 14 6.16 -11.34 -17.43
N ASN C 15 5.84 -12.13 -16.41
CA ASN C 15 6.80 -12.49 -15.35
C ASN C 15 7.62 -13.75 -15.63
N LEU C 16 7.32 -14.44 -16.73
CA LEU C 16 8.03 -15.65 -17.15
C LEU C 16 8.99 -15.31 -18.29
N PRO C 17 10.31 -15.44 -18.05
CA PRO C 17 11.31 -15.10 -19.07
C PRO C 17 11.61 -16.15 -20.15
N ILE C 18 10.64 -17.00 -20.48
CA ILE C 18 10.81 -17.93 -21.61
C ILE C 18 10.05 -17.46 -22.85
N GLU C 19 10.58 -17.79 -24.03
CA GLU C 19 9.92 -17.49 -25.30
C GLU C 19 8.47 -18.00 -25.41
N GLU C 20 8.18 -19.18 -24.84
CA GLU C 20 6.81 -19.73 -24.93
C GLU C 20 5.79 -18.80 -24.29
N ALA C 21 6.22 -18.04 -23.27
CA ALA C 21 5.34 -17.12 -22.59
C ALA C 21 4.90 -15.98 -23.53
N ARG C 22 5.82 -15.51 -24.39
CA ARG C 22 5.46 -14.44 -25.31
CA ARG C 22 5.52 -14.45 -25.37
C ARG C 22 4.50 -14.95 -26.37
N ILE C 23 4.72 -16.20 -26.82
CA ILE C 23 3.91 -16.85 -27.84
C ILE C 23 2.47 -17.05 -27.28
N VAL C 24 2.38 -17.45 -26.03
CA VAL C 24 1.04 -17.61 -25.37
C VAL C 24 0.36 -16.24 -25.24
N ALA C 25 1.14 -15.23 -24.84
CA ALA C 25 0.58 -13.88 -24.69
C ALA C 25 -0.03 -13.40 -26.00
N ASP C 26 0.72 -13.53 -27.10
CA ASP C 26 0.19 -13.24 -28.43
C ASP C 26 -1.12 -13.98 -28.76
N ALA C 27 -1.20 -15.27 -28.39
CA ALA C 27 -2.40 -16.08 -28.67
C ALA C 27 -3.63 -15.63 -27.86
N LEU C 28 -3.37 -14.97 -26.74
CA LEU C 28 -4.43 -14.46 -25.85
C LEU C 28 -4.91 -13.03 -26.17
N ALA C 29 -4.25 -12.37 -27.11
CA ALA C 29 -4.58 -10.98 -27.46
C ALA C 29 -5.98 -10.97 -28.10
N VAL C 30 -6.70 -9.86 -27.91
CA VAL C 30 -8.08 -9.72 -28.43
CA VAL C 30 -8.08 -9.74 -28.42
C VAL C 30 -8.18 -10.08 -29.92
N HIS C 31 -7.21 -9.61 -30.70
CA HIS C 31 -7.20 -9.85 -32.15
C HIS C 31 -6.24 -10.97 -32.61
N ALA C 32 -5.87 -11.86 -31.68
CA ALA C 32 -5.05 -13.04 -32.00
C ALA C 32 -5.57 -13.79 -33.22
N THR C 33 -4.67 -14.29 -34.07
CA THR C 33 -5.09 -15.07 -35.23
C THR C 33 -5.11 -16.57 -34.91
N SER C 34 -5.77 -17.34 -35.76
CA SER C 34 -5.76 -18.80 -35.66
CA SER C 34 -5.75 -18.79 -35.62
C SER C 34 -4.32 -19.30 -35.76
N ARG C 35 -3.53 -18.68 -36.65
CA ARG C 35 -2.12 -19.04 -36.77
C ARG C 35 -1.38 -18.94 -35.43
N GLN C 36 -1.60 -17.84 -34.72
CA GLN C 36 -0.93 -17.59 -33.44
C GLN C 36 -1.41 -18.56 -32.37
N ILE C 37 -2.70 -18.81 -32.35
CA ILE C 37 -3.29 -19.78 -31.40
C ILE C 37 -2.75 -21.19 -31.66
N ASP C 38 -2.76 -21.62 -32.93
CA ASP C 38 -2.23 -22.92 -33.32
CA ASP C 38 -2.20 -22.90 -33.36
C ASP C 38 -0.74 -23.04 -32.96
N SER C 39 0.04 -21.97 -33.20
CA SER C 39 1.45 -21.96 -32.85
C SER C 39 1.68 -22.16 -31.34
N ALA C 40 0.89 -21.46 -30.52
CA ALA C 40 0.98 -21.60 -29.09
C ALA C 40 0.63 -23.02 -28.71
N ALA C 41 -0.47 -23.57 -29.26
CA ALA C 41 -0.88 -24.93 -28.93
C ALA C 41 0.25 -25.93 -29.23
N SER C 42 0.80 -25.84 -30.45
CA SER C 42 1.88 -26.73 -30.89
CA SER C 42 1.89 -26.71 -30.91
C SER C 42 3.11 -26.62 -29.98
N LYS C 43 3.52 -25.39 -29.66
CA LYS C 43 4.72 -25.19 -28.85
C LYS C 43 4.54 -25.61 -27.38
N LEU C 44 3.37 -25.34 -26.83
CA LEU C 44 3.03 -25.85 -25.48
C LEU C 44 3.08 -27.39 -25.41
N ALA C 45 2.54 -28.05 -26.43
CA ALA C 45 2.53 -29.50 -26.47
C ALA C 45 3.96 -30.05 -26.54
N ALA C 46 4.79 -29.43 -27.37
CA ALA C 46 6.20 -29.82 -27.43
C ALA C 46 6.94 -29.64 -26.09
N LEU C 47 6.67 -28.55 -25.40
CA LEU C 47 7.27 -28.26 -24.09
C LEU C 47 6.87 -29.30 -23.05
N ALA C 48 5.57 -29.63 -23.01
CA ALA C 48 5.05 -30.65 -22.11
C ALA C 48 5.71 -32.00 -22.44
N GLU C 49 5.76 -32.34 -23.73
CA GLU C 49 6.41 -33.59 -24.14
C GLU C 49 7.87 -33.68 -23.67
N ALA C 50 8.66 -32.64 -23.96
CA ALA C 50 10.07 -32.53 -23.52
C ALA C 50 10.19 -32.67 -22.00
N GLY C 51 9.28 -32.03 -21.28
CA GLY C 51 9.31 -32.06 -19.83
C GLY C 51 9.01 -33.41 -19.23
N LEU C 52 7.94 -34.07 -19.71
CA LEU C 52 7.56 -35.39 -19.22
C LEU C 52 8.54 -36.50 -19.62
N LYS C 53 9.29 -36.25 -20.68
CA LYS C 53 10.41 -37.13 -21.03
C LYS C 53 11.64 -36.99 -20.11
N GLY C 54 11.73 -35.89 -19.36
CA GLY C 54 12.77 -35.75 -18.34
C GLY C 54 13.55 -34.44 -18.32
N ASP C 55 13.31 -33.57 -19.31
CA ASP C 55 13.91 -32.23 -19.37
C ASP C 55 13.33 -31.36 -18.24
N ARG C 56 14.13 -31.17 -17.19
CA ARG C 56 13.68 -30.50 -15.97
C ARG C 56 13.25 -29.04 -16.16
N GLN C 57 13.96 -28.32 -17.04
CA GLN C 57 13.63 -26.94 -17.40
CA GLN C 57 13.61 -26.94 -17.34
C GLN C 57 12.29 -26.87 -18.10
N ALA C 58 12.12 -27.77 -19.06
CA ALA C 58 10.90 -27.83 -19.86
C ALA C 58 9.71 -28.24 -18.98
N TYR C 59 9.96 -29.13 -18.03
CA TYR C 59 8.90 -29.58 -17.16
C TYR C 59 8.40 -28.44 -16.28
N ALA C 60 9.33 -27.68 -15.68
CA ALA C 60 8.95 -26.56 -14.82
C ALA C 60 8.24 -25.46 -15.61
N ALA C 61 8.71 -25.21 -16.85
CA ALA C 61 8.12 -24.22 -17.73
C ALA C 61 6.70 -24.57 -18.15
N TYR C 62 6.47 -25.80 -18.58
CA TYR C 62 5.14 -26.18 -19.01
C TYR C 62 4.19 -26.16 -17.82
N GLN C 63 4.64 -26.56 -16.63
CA GLN C 63 3.76 -26.57 -15.46
C GLN C 63 3.36 -25.14 -15.08
N GLN C 64 4.34 -24.22 -15.15
CA GLN C 64 4.11 -22.80 -14.85
CA GLN C 64 4.09 -22.82 -14.84
C GLN C 64 3.09 -22.22 -15.83
N LEU C 65 3.31 -22.49 -17.13
CA LEU C 65 2.42 -22.03 -18.18
C LEU C 65 1.01 -22.63 -18.06
N LEU C 66 0.93 -23.92 -17.80
CA LEU C 66 -0.40 -24.54 -17.56
C LEU C 66 -1.17 -23.92 -16.36
N TYR C 67 -0.44 -23.57 -15.31
CA TYR C 67 -1.04 -22.94 -14.12
C TYR C 67 -1.63 -21.57 -14.50
N VAL C 68 -0.87 -20.82 -15.28
CA VAL C 68 -1.40 -19.54 -15.83
C VAL C 68 -2.61 -19.80 -16.74
N LEU C 69 -2.47 -20.76 -17.66
CA LEU C 69 -3.55 -21.04 -18.60
C LEU C 69 -4.84 -21.52 -17.93
N SER C 70 -4.71 -22.46 -17.00
CA SER C 70 -5.91 -23.12 -16.50
C SER C 70 -6.56 -22.38 -15.34
N LEU C 71 -5.79 -21.53 -14.64
CA LEU C 71 -6.24 -21.01 -13.37
C LEU C 71 -6.13 -19.47 -13.19
N SER C 72 -5.84 -18.75 -14.27
CA SER C 72 -5.97 -17.28 -14.24
C SER C 72 -7.44 -16.85 -14.12
N ASP C 73 -7.64 -15.64 -13.59
CA ASP C 73 -8.99 -15.14 -13.30
C ASP C 73 -9.52 -14.05 -14.24
N ASP C 74 -8.84 -13.78 -15.34
CA ASP C 74 -9.36 -12.79 -16.33
C ASP C 74 -10.25 -13.54 -17.34
N VAL C 75 -11.57 -13.39 -17.16
CA VAL C 75 -12.51 -14.22 -17.93
CA VAL C 75 -12.55 -14.19 -17.94
C VAL C 75 -12.44 -13.95 -19.44
N ALA C 76 -12.02 -12.73 -19.81
CA ALA C 76 -11.89 -12.36 -21.22
C ALA C 76 -11.04 -13.36 -22.02
N THR C 77 -10.04 -13.94 -21.38
CA THR C 77 -9.14 -14.87 -22.10
C THR C 77 -9.39 -16.37 -21.77
N ALA C 78 -10.41 -16.64 -20.95
CA ALA C 78 -10.60 -18.01 -20.46
C ALA C 78 -10.82 -19.04 -21.56
N GLN C 79 -11.66 -18.72 -22.55
CA GLN C 79 -11.99 -19.71 -23.58
C GLN C 79 -10.74 -20.12 -24.37
N THR C 80 -9.93 -19.15 -24.78
CA THR C 80 -8.68 -19.48 -25.49
C THR C 80 -7.65 -20.12 -24.55
N ARG C 81 -7.60 -19.66 -23.29
CA ARG C 81 -6.73 -20.34 -22.33
C ARG C 81 -7.06 -21.83 -22.19
N ARG C 82 -8.35 -22.14 -22.06
CA ARG C 82 -8.75 -23.53 -21.88
C ARG C 82 -8.48 -24.35 -23.15
N TRP C 83 -8.60 -23.70 -24.32
CA TRP C 83 -8.24 -24.32 -25.59
C TRP C 83 -6.76 -24.75 -25.62
N LEU C 84 -5.88 -23.83 -25.22
CA LEU C 84 -4.45 -24.11 -25.11
C LEU C 84 -4.12 -25.14 -24.03
N ALA C 85 -4.81 -25.04 -22.90
CA ALA C 85 -4.62 -26.01 -21.83
C ALA C 85 -4.93 -27.44 -22.32
N ARG C 86 -5.93 -27.60 -23.19
CA ARG C 86 -6.24 -28.94 -23.71
C ARG C 86 -5.05 -29.56 -24.51
N ALA C 87 -4.33 -28.75 -25.27
CA ALA C 87 -3.15 -29.20 -26.00
C ALA C 87 -2.11 -29.86 -25.06
N ILE C 88 -1.92 -29.22 -23.90
CA ILE C 88 -1.07 -29.76 -22.87
C ILE C 88 -1.69 -31.02 -22.26
N TYR C 89 -2.96 -30.95 -21.88
CA TYR C 89 -3.63 -32.12 -21.26
C TYR C 89 -3.54 -33.37 -22.11
N ARG C 90 -3.75 -33.25 -23.43
CA ARG C 90 -3.64 -34.42 -24.33
C ARG C 90 -2.25 -35.10 -24.23
N VAL C 91 -1.21 -34.29 -24.06
CA VAL C 91 0.15 -34.83 -23.90
C VAL C 91 0.27 -35.52 -22.55
N GLU C 92 -0.14 -34.82 -21.48
CA GLU C 92 0.01 -35.36 -20.13
C GLU C 92 -0.66 -36.73 -19.98
N GLU C 93 -1.87 -36.86 -20.52
CA GLU C 93 -2.64 -38.08 -20.39
C GLU C 93 -1.98 -39.30 -21.08
N ARG C 94 -1.21 -39.06 -22.11
CA ARG C 94 -0.45 -40.12 -22.80
CA ARG C 94 -0.52 -40.17 -22.77
C ARG C 94 0.64 -40.71 -21.91
N PHE C 95 1.13 -39.91 -20.96
CA PHE C 95 2.18 -40.34 -20.02
C PHE C 95 1.72 -41.04 -18.72
N MSE C 96 0.47 -40.87 -18.34
CA MSE C 96 0.00 -41.51 -17.10
C MSE C 96 -0.37 -42.96 -17.32
O MSE C 96 -0.99 -43.28 -18.33
CB MSE C 96 -1.17 -40.76 -16.46
CG MSE C 96 -1.60 -39.54 -17.17
SE MSE C 96 -3.03 -38.56 -16.29
CE MSE C 96 -2.33 -36.77 -16.48
N PRO C 97 0.04 -43.85 -16.38
CA PRO C 97 -0.29 -45.28 -16.45
C PRO C 97 -1.82 -45.46 -16.50
N ALA C 98 -2.34 -46.11 -17.53
CA ALA C 98 -3.78 -46.20 -17.74
C ALA C 98 -4.28 -47.48 -17.13
N ALA C 99 -5.46 -47.44 -16.49
CA ALA C 99 -6.11 -48.67 -15.95
C ALA C 99 -6.20 -49.85 -16.96
N ASP C 100 -6.58 -49.52 -18.20
CA ASP C 100 -6.60 -50.49 -19.30
CA ASP C 100 -6.62 -50.49 -19.31
C ASP C 100 -7.42 -51.77 -19.03
N LEU C 101 -8.55 -51.64 -18.34
CA LEU C 101 -9.45 -52.81 -18.18
C LEU C 101 -10.12 -53.07 -19.52
N SER C 102 -10.31 -54.35 -19.83
CA SER C 102 -11.03 -54.72 -21.07
CA SER C 102 -11.01 -54.75 -21.06
C SER C 102 -12.48 -55.03 -20.75
N ARG C 103 -12.73 -55.32 -19.47
CA ARG C 103 -14.06 -55.72 -18.98
CA ARG C 103 -14.08 -55.64 -19.01
C ARG C 103 -14.33 -54.98 -17.65
N ALA C 104 -15.50 -54.34 -17.54
CA ALA C 104 -15.87 -53.63 -16.32
C ALA C 104 -15.92 -54.57 -15.13
N LEU C 105 -15.36 -54.13 -14.01
CA LEU C 105 -15.49 -54.90 -12.78
C LEU C 105 -16.94 -54.87 -12.29
N SER C 106 -17.35 -55.93 -11.58
CA SER C 106 -18.63 -55.97 -10.86
C SER C 106 -18.65 -54.82 -9.85
N GLU C 107 -19.84 -54.43 -9.42
CA GLU C 107 -19.95 -53.38 -8.41
C GLU C 107 -19.10 -53.73 -7.19
N GLU C 108 -19.23 -54.96 -6.69
CA GLU C 108 -18.46 -55.39 -5.52
CA GLU C 108 -18.46 -55.40 -5.52
C GLU C 108 -16.95 -55.28 -5.73
N ASP C 109 -16.46 -55.80 -6.87
CA ASP C 109 -15.04 -55.73 -7.20
C ASP C 109 -14.51 -54.31 -7.44
N PHE C 110 -15.36 -53.45 -8.00
CA PHE C 110 -15.02 -52.04 -8.17
C PHE C 110 -14.84 -51.33 -6.82
N GLN C 111 -15.81 -51.52 -5.93
CA GLN C 111 -15.76 -50.98 -4.57
C GLN C 111 -14.51 -51.45 -3.85
N LYS C 112 -14.19 -52.75 -4.00
CA LYS C 112 -13.01 -53.35 -3.39
CA LYS C 112 -13.00 -53.36 -3.41
C LYS C 112 -11.72 -52.70 -3.91
N ARG C 113 -11.64 -52.54 -5.23
CA ARG C 113 -10.49 -51.91 -5.86
C ARG C 113 -10.28 -50.51 -5.26
N LEU C 114 -11.34 -49.74 -5.12
CA LEU C 114 -11.18 -48.41 -4.51
C LEU C 114 -10.60 -48.51 -3.09
N GLU C 115 -11.25 -49.32 -2.27
CA GLU C 115 -10.81 -49.58 -0.89
C GLU C 115 -9.34 -50.01 -0.80
N GLN C 116 -8.90 -50.86 -1.72
CA GLN C 116 -7.53 -51.36 -1.73
CA GLN C 116 -7.53 -51.36 -1.76
C GLN C 116 -6.53 -50.30 -2.19
N GLU C 117 -6.90 -49.47 -3.18
CA GLU C 117 -6.07 -48.34 -3.59
CA GLU C 117 -6.05 -48.36 -3.57
C GLU C 117 -5.92 -47.35 -2.43
N ILE C 118 -7.04 -47.05 -1.76
CA ILE C 118 -6.96 -46.15 -0.60
C ILE C 118 -6.07 -46.77 0.50
N ALA C 119 -6.25 -48.07 0.77
CA ALA C 119 -5.39 -48.82 1.73
C ALA C 119 -3.90 -48.62 1.43
N ALA C 120 -3.53 -48.80 0.16
CA ALA C 120 -2.14 -48.69 -0.27
C ALA C 120 -1.55 -47.31 -0.05
N GLN C 121 -2.40 -46.30 0.09
CA GLN C 121 -1.91 -44.93 0.27
C GLN C 121 -1.43 -44.63 1.69
N SER C 122 -2.01 -45.30 2.68
CA SER C 122 -1.59 -45.14 4.09
C SER C 122 -1.37 -43.66 4.49
N ARG C 123 -2.28 -42.79 4.08
CA ARG C 123 -2.15 -41.34 4.35
CA ARG C 123 -2.16 -41.35 4.34
C ARG C 123 -2.16 -41.01 5.85
N GLU C 124 -2.97 -41.74 6.63
CA GLU C 124 -3.00 -41.52 8.06
CA GLU C 124 -3.00 -41.58 8.10
C GLU C 124 -1.59 -41.68 8.67
N ARG C 125 -0.74 -42.48 8.02
CA ARG C 125 0.61 -42.73 8.54
C ARG C 125 1.66 -41.76 8.03
N HIS C 126 1.26 -40.80 7.20
CA HIS C 126 2.21 -39.83 6.68
C HIS C 126 2.81 -39.09 7.87
N PRO C 127 4.15 -38.94 7.91
CA PRO C 127 4.83 -38.31 9.06
C PRO C 127 4.28 -36.93 9.41
N MSE C 128 3.76 -36.20 8.43
CA MSE C 128 3.22 -34.87 8.71
C MSE C 128 1.88 -34.99 9.41
O MSE C 128 1.59 -34.22 10.33
CB MSE C 128 3.05 -34.02 7.46
CG MSE C 128 2.43 -32.67 7.79
SE MSE C 128 2.71 -31.36 6.40
CE MSE C 128 1.41 -32.09 5.06
N SER C 129 1.08 -35.95 8.96
CA SER C 129 -0.21 -36.25 9.59
C SER C 129 0.00 -36.60 11.04
N GLN C 130 0.88 -37.56 11.29
CA GLN C 130 1.23 -37.93 12.65
C GLN C 130 1.73 -36.75 13.48
N TYR C 131 2.45 -35.85 12.85
CA TYR C 131 3.04 -34.70 13.56
C TYR C 131 2.03 -33.60 13.88
N VAL C 132 1.15 -33.27 12.93
CA VAL C 132 0.16 -32.19 13.11
C VAL C 132 -1.03 -32.62 13.98
N PHE C 133 -1.55 -33.82 13.74
CA PHE C 133 -2.72 -34.32 14.49
CA PHE C 133 -2.70 -34.33 14.47
C PHE C 133 -2.37 -34.70 15.93
N SER C 134 -1.08 -34.72 16.26
CA SER C 134 -0.63 -35.09 17.59
C SER C 134 -0.27 -33.88 18.48
N GLY C 135 -0.56 -32.68 17.98
CA GLY C 135 -0.33 -31.45 18.73
C GLY C 135 1.13 -31.09 18.94
N SER C 136 1.99 -31.48 18.01
CA SER C 136 3.44 -31.23 18.14
C SER C 136 3.94 -29.98 17.38
N ALA C 137 3.15 -29.51 16.41
CA ALA C 137 3.55 -28.35 15.59
C ALA C 137 3.51 -27.03 16.37
N SER C 138 4.56 -26.23 16.22
CA SER C 138 4.57 -24.82 16.60
C SER C 138 3.61 -23.96 15.77
N ARG C 139 3.40 -22.70 16.18
CA ARG C 139 2.58 -21.78 15.41
CA ARG C 139 2.59 -21.76 15.41
C ARG C 139 3.14 -21.63 14.00
N ALA C 140 4.46 -21.51 13.88
CA ALA C 140 5.11 -21.36 12.58
C ALA C 140 4.85 -22.54 11.66
N GLN C 141 4.96 -23.75 12.19
CA GLN C 141 4.72 -24.95 11.36
C GLN C 141 3.24 -25.11 11.01
N LEU C 142 2.36 -24.74 11.93
CA LEU C 142 0.94 -24.79 11.62
C LEU C 142 0.63 -23.76 10.51
N GLN C 143 1.32 -22.64 10.53
CA GLN C 143 1.15 -21.62 9.47
C GLN C 143 1.54 -22.17 8.11
N VAL C 144 2.59 -23.00 8.05
CA VAL C 144 2.94 -23.69 6.80
C VAL C 144 1.78 -24.59 6.33
N PHE C 145 1.30 -25.44 7.23
CA PHE C 145 0.19 -26.34 6.89
C PHE C 145 -1.02 -25.56 6.34
N LEU C 146 -1.37 -24.47 7.03
CA LEU C 146 -2.57 -23.70 6.66
C LEU C 146 -2.42 -22.86 5.40
N ARG C 147 -1.23 -22.31 5.16
CA ARG C 147 -0.98 -21.58 3.92
CA ARG C 147 -0.99 -21.57 3.91
C ARG C 147 -1.30 -22.47 2.72
N HIS C 148 -0.88 -23.73 2.82
CA HIS C 148 -1.09 -24.66 1.73
C HIS C 148 -2.51 -25.19 1.68
N GLN C 149 -3.14 -25.35 2.87
CA GLN C 149 -4.59 -25.67 2.93
C GLN C 149 -5.41 -24.65 2.12
N TRP C 150 -5.03 -23.38 2.21
CA TRP C 150 -5.71 -22.31 1.49
C TRP C 150 -5.76 -22.59 0.00
N PHE C 151 -4.60 -22.90 -0.58
CA PHE C 151 -4.53 -23.23 -2.00
C PHE C 151 -5.47 -24.38 -2.40
N ARG C 152 -5.57 -25.40 -1.57
CA ARG C 152 -6.42 -26.53 -1.86
CA ARG C 152 -6.42 -26.54 -1.86
C ARG C 152 -7.90 -26.16 -1.80
N THR C 153 -8.27 -25.35 -0.82
CA THR C 153 -9.67 -25.07 -0.51
C THR C 153 -10.29 -23.92 -1.30
N PHE C 154 -9.51 -22.85 -1.49
CA PHE C 154 -10.11 -21.55 -1.80
C PHE C 154 -10.89 -21.49 -3.13
N ARG C 155 -10.50 -22.31 -4.12
CA ARG C 155 -11.27 -22.39 -5.38
C ARG C 155 -11.71 -23.80 -5.75
N LEU C 156 -11.78 -24.69 -4.75
CA LEU C 156 -12.26 -26.05 -5.02
C LEU C 156 -13.68 -26.02 -5.61
N TYR C 157 -14.52 -25.10 -5.12
CA TYR C 157 -15.93 -25.01 -5.57
C TYR C 157 -15.96 -24.76 -7.09
N ARG C 158 -14.96 -24.04 -7.59
CA ARG C 158 -14.94 -23.79 -9.07
C ARG C 158 -14.70 -25.04 -9.89
N ASP C 159 -13.85 -25.94 -9.38
CA ASP C 159 -13.57 -27.18 -10.08
C ASP C 159 -14.82 -28.04 -10.07
N ALA C 160 -15.52 -28.07 -8.93
CA ALA C 160 -16.81 -28.79 -8.79
C ALA C 160 -17.82 -28.25 -9.80
N ALA C 161 -17.85 -26.93 -9.97
CA ALA C 161 -18.77 -26.30 -10.95
C ALA C 161 -18.47 -26.74 -12.39
N ASP C 162 -17.19 -26.94 -12.73
CA ASP C 162 -16.82 -27.44 -14.07
C ASP C 162 -17.43 -28.86 -14.31
N LEU C 163 -17.42 -29.69 -13.29
CA LEU C 163 -18.05 -31.04 -13.38
C LEU C 163 -19.58 -30.90 -13.51
N LEU C 164 -20.17 -30.00 -12.71
CA LEU C 164 -21.62 -29.71 -12.81
C LEU C 164 -22.00 -29.42 -14.28
N VAL C 165 -21.23 -28.56 -14.93
CA VAL C 165 -21.48 -28.21 -16.33
C VAL C 165 -21.51 -29.41 -17.30
N ASN C 166 -20.65 -30.40 -17.05
CA ASN C 166 -20.60 -31.60 -17.86
C ASN C 166 -21.50 -32.79 -17.46
N LEU C 167 -22.28 -32.62 -16.38
CA LEU C 167 -23.22 -33.66 -15.96
C LEU C 167 -24.55 -33.31 -16.62
N THR C 168 -24.78 -33.85 -17.82
CA THR C 168 -25.90 -33.45 -18.66
C THR C 168 -27.23 -33.95 -18.05
N ASP C 169 -27.19 -34.92 -17.14
CA ASP C 169 -28.43 -35.42 -16.50
C ASP C 169 -28.89 -34.46 -15.41
N VAL C 170 -30.16 -34.05 -15.49
CA VAL C 170 -30.71 -33.04 -14.58
C VAL C 170 -30.56 -33.43 -13.10
N ASP C 171 -30.80 -34.72 -12.81
CA ASP C 171 -30.70 -35.18 -11.42
C ASP C 171 -29.24 -35.17 -10.91
N GLU C 172 -28.30 -35.51 -11.79
CA GLU C 172 -26.89 -35.49 -11.46
C GLU C 172 -26.36 -34.07 -11.33
N ALA C 173 -26.77 -33.17 -12.23
CA ALA C 173 -26.50 -31.73 -12.04
C ALA C 173 -27.04 -31.26 -10.69
N ALA C 174 -28.27 -31.68 -10.34
CA ALA C 174 -28.83 -31.38 -9.03
C ALA C 174 -27.93 -31.80 -7.84
N ALA C 175 -27.35 -32.99 -7.92
CA ALA C 175 -26.43 -33.48 -6.88
C ALA C 175 -25.24 -32.54 -6.69
N LEU C 176 -24.64 -32.09 -7.79
CA LEU C 176 -23.54 -31.14 -7.71
C LEU C 176 -23.99 -29.75 -7.29
N ALA C 177 -25.21 -29.35 -7.68
CA ALA C 177 -25.72 -28.04 -7.23
C ALA C 177 -25.91 -28.06 -5.69
N ARG C 178 -26.37 -29.19 -5.15
CA ARG C 178 -26.49 -29.32 -3.68
C ARG C 178 -25.11 -29.22 -3.00
N TYR C 179 -24.12 -29.90 -3.58
CA TYR C 179 -22.74 -29.80 -3.10
C TYR C 179 -22.25 -28.33 -3.06
N LEU C 180 -22.41 -27.64 -4.17
CA LEU C 180 -21.95 -26.27 -4.33
C LEU C 180 -22.64 -25.35 -3.32
N TYR C 181 -23.97 -25.56 -3.13
CA TYR C 181 -24.71 -24.80 -2.15
C TYR C 181 -24.07 -24.96 -0.74
N GLY C 182 -23.80 -26.20 -0.33
CA GLY C 182 -23.13 -26.46 0.95
C GLY C 182 -21.73 -25.80 1.00
N GLU C 183 -20.93 -26.00 -0.07
CA GLU C 183 -19.57 -25.50 -0.12
C GLU C 183 -19.51 -23.97 -0.06
N LEU C 184 -20.57 -23.30 -0.56
CA LEU C 184 -20.61 -21.83 -0.61
C LEU C 184 -21.45 -21.15 0.49
N GLY C 185 -21.75 -21.89 1.55
CA GLY C 185 -22.30 -21.27 2.77
C GLY C 185 -23.82 -21.34 2.92
N GLU C 186 -24.46 -22.07 2.02
CA GLU C 186 -25.93 -22.20 2.00
C GLU C 186 -26.61 -20.83 1.90
N GLU C 187 -27.38 -20.44 2.91
CA GLU C 187 -28.08 -19.15 2.83
C GLU C 187 -27.20 -17.96 3.16
N ASP C 188 -25.96 -18.21 3.60
CA ASP C 188 -25.08 -17.14 4.09
C ASP C 188 -23.68 -17.27 3.51
N GLU C 189 -23.38 -16.42 2.54
CA GLU C 189 -22.05 -16.46 1.89
C GLU C 189 -20.88 -16.15 2.85
N LYS C 190 -21.15 -15.56 4.00
CA LYS C 190 -20.07 -15.38 5.00
C LYS C 190 -19.62 -16.74 5.56
N GLY C 191 -20.48 -17.74 5.42
CA GLY C 191 -20.13 -19.07 5.84
C GLY C 191 -19.65 -19.97 4.74
N SER C 192 -19.35 -19.43 3.55
CA SER C 192 -18.77 -20.29 2.49
C SER C 192 -17.52 -20.96 3.08
N HIS C 193 -17.21 -22.17 2.65
CA HIS C 193 -16.05 -22.84 3.20
C HIS C 193 -14.72 -22.10 3.00
N PRO C 194 -14.51 -21.47 1.81
CA PRO C 194 -13.31 -20.63 1.69
C PRO C 194 -13.26 -19.52 2.74
N ARG C 195 -14.39 -18.88 3.00
CA ARG C 195 -14.44 -17.83 4.05
C ARG C 195 -14.28 -18.36 5.48
N LEU C 196 -14.77 -19.56 5.75
CA LEU C 196 -14.54 -20.19 7.05
C LEU C 196 -13.05 -20.46 7.20
N LEU C 197 -12.41 -20.97 6.15
CA LEU C 197 -10.97 -21.17 6.22
C LEU C 197 -10.21 -19.82 6.39
N ALA C 198 -10.70 -18.78 5.75
CA ALA C 198 -10.09 -17.43 5.85
C ALA C 198 -10.12 -16.94 7.28
N LYS C 199 -11.25 -17.16 7.96
CA LYS C 199 -11.39 -16.87 9.40
C LYS C 199 -10.30 -17.54 10.26
N LEU C 200 -10.06 -18.81 9.98
CA LEU C 200 -9.05 -19.60 10.66
C LEU C 200 -7.63 -19.05 10.40
N LEU C 201 -7.31 -18.82 9.13
CA LEU C 201 -6.06 -18.23 8.71
C LEU C 201 -5.81 -16.90 9.42
N GLU C 202 -6.80 -16.00 9.37
CA GLU C 202 -6.67 -14.71 10.04
CA GLU C 202 -6.69 -14.69 10.06
C GLU C 202 -6.41 -14.86 11.56
N ALA C 203 -7.07 -15.82 12.19
CA ALA C 203 -6.86 -16.13 13.60
C ALA C 203 -5.39 -16.49 13.94
N ILE C 204 -4.64 -17.03 12.96
CA ILE C 204 -3.25 -17.44 13.14
CA ILE C 204 -3.23 -17.37 13.21
C ILE C 204 -2.21 -16.52 12.42
N GLY C 205 -2.65 -15.33 12.04
CA GLY C 205 -1.74 -14.35 11.43
C GLY C 205 -1.48 -14.45 9.96
N LEU C 206 -2.31 -15.23 9.24
CA LEU C 206 -2.09 -15.41 7.82
C LEU C 206 -3.18 -14.66 7.04
N GLU C 207 -2.85 -14.27 5.84
CA GLU C 207 -3.86 -13.64 4.98
C GLU C 207 -4.49 -14.71 4.10
N ALA C 208 -5.74 -14.49 3.77
CA ALA C 208 -6.47 -15.43 2.97
C ALA C 208 -6.74 -14.71 1.67
N ASP C 209 -5.87 -14.93 0.71
CA ASP C 209 -5.84 -14.09 -0.49
C ASP C 209 -6.56 -14.78 -1.65
N PHE C 210 -7.69 -14.22 -2.08
CA PHE C 210 -8.44 -14.80 -3.20
C PHE C 210 -7.77 -14.61 -4.56
N GLN C 211 -6.68 -13.82 -4.58
CA GLN C 211 -5.83 -13.68 -5.77
CA GLN C 211 -5.86 -13.72 -5.78
C GLN C 211 -4.52 -14.44 -5.60
N ALA C 212 -4.48 -15.41 -4.67
CA ALA C 212 -3.25 -16.17 -4.40
C ALA C 212 -2.70 -16.91 -5.61
N VAL C 213 -1.37 -16.88 -5.73
CA VAL C 213 -0.65 -17.53 -6.83
C VAL C 213 0.51 -18.30 -6.21
N SER C 214 0.50 -19.63 -6.34
CA SER C 214 1.49 -20.51 -5.71
C SER C 214 2.85 -20.39 -6.38
N THR C 215 3.91 -20.54 -5.60
CA THR C 215 5.24 -20.67 -6.15
C THR C 215 5.84 -22.06 -5.82
N MSE C 216 5.04 -22.95 -5.22
CA MSE C 216 5.50 -24.31 -4.91
C MSE C 216 5.21 -25.25 -6.08
O MSE C 216 4.03 -25.46 -6.42
CB MSE C 216 4.88 -24.84 -3.63
CG MSE C 216 5.31 -26.28 -3.29
SE MSE C 216 4.39 -26.99 -1.71
CE MSE C 216 5.74 -26.53 -0.33
N PRO C 217 6.26 -25.80 -6.71
CA PRO C 217 6.09 -26.66 -7.90
C PRO C 217 5.09 -27.82 -7.69
N GLU C 218 5.20 -28.53 -6.57
CA GLU C 218 4.29 -29.66 -6.25
C GLU C 218 2.82 -29.23 -6.01
N GLU C 219 2.63 -28.03 -5.48
CA GLU C 219 1.31 -27.43 -5.30
C GLU C 219 0.72 -27.05 -6.63
N ILE C 220 1.53 -26.42 -7.47
CA ILE C 220 1.12 -26.08 -8.84
C ILE C 220 0.67 -27.36 -9.61
N ALA C 221 1.47 -28.42 -9.51
CA ALA C 221 1.16 -29.69 -10.19
C ALA C 221 -0.18 -30.26 -9.68
N TYR C 222 -0.40 -30.17 -8.36
CA TYR C 222 -1.65 -30.62 -7.74
C TYR C 222 -2.88 -29.84 -8.27
N LEU C 223 -2.80 -28.50 -8.24
CA LEU C 223 -3.93 -27.65 -8.71
C LEU C 223 -4.18 -27.79 -10.20
N ASN C 224 -3.10 -27.85 -11.01
CA ASN C 224 -3.20 -28.14 -12.44
C ASN C 224 -3.93 -29.47 -12.70
N ASN C 225 -3.53 -30.50 -11.98
CA ASN C 225 -4.14 -31.81 -12.17
C ASN C 225 -5.61 -31.82 -11.76
N ARG C 226 -5.92 -31.21 -10.61
CA ARG C 226 -7.31 -31.21 -10.14
C ARG C 226 -8.22 -30.50 -11.13
N ALA C 227 -7.81 -29.32 -11.60
CA ALA C 227 -8.58 -28.58 -12.61
C ALA C 227 -8.75 -29.39 -13.90
N ARG C 228 -7.68 -30.02 -14.40
CA ARG C 228 -7.79 -30.91 -15.58
C ARG C 228 -8.85 -32.04 -15.41
N ALA C 229 -8.78 -32.71 -14.27
CA ALA C 229 -9.66 -33.85 -13.99
C ALA C 229 -11.12 -33.40 -13.92
N PHE C 230 -11.39 -32.35 -13.15
CA PHE C 230 -12.77 -31.81 -13.04
C PHE C 230 -13.31 -31.24 -14.35
N ARG C 231 -12.43 -30.82 -15.25
CA ARG C 231 -12.83 -30.24 -16.54
C ARG C 231 -12.93 -31.31 -17.66
N HIS C 232 -12.50 -32.52 -17.38
CA HIS C 232 -12.37 -33.53 -18.41
C HIS C 232 -13.71 -33.86 -19.07
N ALA C 233 -13.71 -34.05 -20.37
CA ALA C 233 -14.93 -34.42 -21.09
C ALA C 233 -15.48 -35.78 -20.65
N GLU C 234 -14.63 -36.67 -20.16
CA GLU C 234 -15.13 -37.94 -19.60
C GLU C 234 -15.20 -37.76 -18.09
N VAL C 235 -16.42 -37.67 -17.57
CA VAL C 235 -16.63 -37.25 -16.16
C VAL C 235 -16.08 -38.24 -15.11
N GLY C 236 -15.81 -39.48 -15.52
CA GLY C 236 -15.07 -40.44 -14.66
C GLY C 236 -13.83 -39.81 -14.00
N TRP C 237 -13.14 -38.90 -14.73
CA TRP C 237 -11.94 -38.26 -14.17
C TRP C 237 -12.28 -37.37 -12.97
N GLY C 238 -13.27 -36.50 -13.15
CA GLY C 238 -13.65 -35.56 -12.08
C GLY C 238 -14.37 -36.23 -10.94
N LEU C 239 -15.16 -37.25 -11.25
CA LEU C 239 -15.83 -38.04 -10.21
C LEU C 239 -14.85 -38.78 -9.31
N ALA C 240 -13.74 -39.24 -9.89
CA ALA C 240 -12.67 -39.88 -9.10
C ALA C 240 -12.07 -38.89 -8.09
N VAL C 241 -11.68 -37.70 -8.56
CA VAL C 241 -11.14 -36.67 -7.67
C VAL C 241 -12.21 -36.20 -6.66
N PHE C 242 -13.45 -36.03 -7.10
CA PHE C 242 -14.54 -35.69 -6.17
C PHE C 242 -14.67 -36.75 -5.06
N TYR C 243 -14.61 -38.02 -5.46
CA TYR C 243 -14.76 -39.13 -4.51
C TYR C 243 -13.69 -39.06 -3.44
N ILE C 244 -12.44 -38.91 -3.87
CA ILE C 244 -11.32 -39.01 -2.93
C ILE C 244 -11.15 -37.77 -2.01
N THR C 245 -11.59 -36.62 -2.50
CA THR C 245 -11.47 -35.35 -1.76
C THR C 245 -12.73 -34.96 -0.97
N GLU C 246 -13.89 -35.44 -1.39
CA GLU C 246 -15.16 -35.08 -0.72
C GLU C 246 -15.95 -36.25 -0.14
N LEU C 247 -15.99 -37.38 -0.83
CA LEU C 247 -16.84 -38.49 -0.37
C LEU C 247 -16.14 -39.34 0.70
N VAL C 248 -14.85 -39.57 0.49
CA VAL C 248 -13.99 -40.16 1.51
C VAL C 248 -13.45 -38.97 2.32
N VAL C 249 -13.81 -38.91 3.60
CA VAL C 249 -13.56 -37.70 4.45
C VAL C 249 -12.15 -37.47 5.01
N ASN C 252 -7.43 -36.85 9.72
CA ASN C 252 -8.76 -36.35 9.39
C ASN C 252 -9.10 -35.01 10.07
N HIS C 253 -10.30 -34.52 9.79
CA HIS C 253 -10.75 -33.19 10.23
C HIS C 253 -10.98 -33.06 11.73
N GLU C 254 -11.51 -34.12 12.33
CA GLU C 254 -11.86 -34.13 13.75
C GLU C 254 -10.64 -33.99 14.67
N LYS C 255 -9.56 -34.66 14.31
CA LYS C 255 -8.32 -34.67 15.09
C LYS C 255 -7.55 -33.35 14.93
N LEU C 256 -7.65 -32.77 13.75
CA LEU C 256 -7.01 -31.48 13.42
C LEU C 256 -7.74 -30.35 14.13
N TYR C 257 -9.06 -30.46 14.19
CA TYR C 257 -9.90 -29.50 14.90
C TYR C 257 -9.57 -29.52 16.39
N ARG C 258 -9.49 -30.74 16.96
CA ARG C 258 -9.15 -30.92 18.38
C ARG C 258 -7.72 -30.48 18.69
N ALA C 259 -6.83 -30.58 17.70
CA ALA C 259 -5.48 -30.01 17.82
C ALA C 259 -5.47 -28.48 17.89
N LEU C 260 -6.29 -27.82 17.06
CA LEU C 260 -6.33 -26.35 16.99
C LEU C 260 -6.91 -25.70 18.25
N LEU C 261 -7.95 -26.33 18.81
CA LEU C 261 -8.53 -25.92 20.08
C LEU C 261 -7.52 -26.03 21.23
N GLN C 262 -6.79 -27.15 21.24
CA GLN C 262 -5.73 -27.40 22.23
C GLN C 262 -4.57 -26.43 22.06
N ALA C 263 -4.53 -25.75 20.88
CA ALA C 263 -3.50 -24.76 20.56
C ALA C 263 -4.02 -23.26 20.66
N GLY C 264 -5.15 -23.35 21.65
CA GLY C 264 -5.68 -21.80 21.90
C GLY C 264 -6.70 -21.22 20.85
N LEU C 265 -6.87 -21.86 19.68
CA LEU C 265 -7.88 -21.33 18.73
C LEU C 265 -9.28 -21.56 19.28
N SER C 266 -10.14 -20.34 19.25
CA SER C 266 -11.56 -20.54 19.91
C SER C 266 -12.24 -21.51 18.86
N GLU C 267 -13.51 -21.97 19.14
CA GLU C 267 -14.22 -22.93 18.28
C GLU C 267 -14.74 -22.22 17.04
N ASP C 268 -15.11 -20.96 17.19
CA ASP C 268 -15.54 -20.13 16.07
C ASP C 268 -14.42 -19.99 15.05
N GLN C 269 -13.21 -19.75 15.54
CA GLN C 269 -12.01 -19.63 14.69
C GLN C 269 -11.71 -20.91 13.90
N ALA C 270 -11.94 -22.07 14.53
CA ALA C 270 -11.63 -23.36 13.91
C ALA C 270 -12.85 -24.04 13.24
N GLU C 271 -13.92 -23.28 13.07
CA GLU C 271 -15.18 -23.79 12.48
C GLU C 271 -14.97 -24.56 11.19
N TYR C 272 -14.06 -24.06 10.33
CA TYR C 272 -13.75 -24.72 9.05
C TYR C 272 -13.60 -26.25 9.17
N TYR C 273 -12.80 -26.70 10.12
CA TYR C 273 -12.61 -28.14 10.32
C TYR C 273 -13.84 -28.82 10.89
N LYS C 274 -14.50 -28.19 11.86
CA LYS C 274 -15.71 -28.77 12.46
C LYS C 274 -16.78 -29.12 11.40
N VAL C 275 -16.95 -28.25 10.42
CA VAL C 275 -18.05 -28.45 9.46
C VAL C 275 -17.82 -29.57 8.45
N HIS C 276 -16.57 -30.03 8.34
CA HIS C 276 -16.24 -31.15 7.44
C HIS C 276 -16.28 -32.54 8.10
N ILE C 277 -16.44 -32.57 9.43
CA ILE C 277 -16.60 -33.84 10.14
C ILE C 277 -17.89 -34.54 9.65
N SER C 278 -17.74 -35.80 9.26
CA SER C 278 -18.88 -36.62 8.84
C SER C 278 -18.61 -38.10 9.08
N LEU C 279 -19.57 -38.74 9.73
CA LEU C 279 -19.55 -40.19 9.95
C LEU C 279 -20.25 -40.97 8.84
N VAL C 280 -20.87 -40.25 7.90
CA VAL C 280 -21.70 -40.90 6.88
C VAL C 280 -20.81 -41.75 5.95
N PRO C 281 -21.12 -43.04 5.79
CA PRO C 281 -20.34 -43.85 4.87
C PRO C 281 -20.42 -43.30 3.44
N PRO C 282 -19.27 -43.28 2.74
CA PRO C 282 -19.23 -42.75 1.38
C PRO C 282 -20.35 -43.24 0.46
N ARG C 283 -20.72 -44.52 0.52
CA ARG C 283 -21.77 -45.03 -0.37
C ARG C 283 -23.21 -44.60 0.00
N ALA C 284 -23.38 -44.00 1.16
CA ALA C 284 -24.67 -43.44 1.56
C ALA C 284 -24.81 -41.99 1.12
N LYS C 285 -23.72 -41.40 0.61
CA LYS C 285 -23.74 -40.00 0.26
C LYS C 285 -24.38 -39.90 -1.12
N ARG C 286 -25.22 -38.89 -1.30
CA ARG C 286 -25.99 -38.80 -2.51
C ARG C 286 -25.16 -38.75 -3.82
N GLU C 287 -23.99 -38.12 -3.78
CA GLU C 287 -23.12 -38.02 -4.98
C GLU C 287 -22.55 -39.38 -5.36
N TRP C 288 -22.54 -40.34 -4.43
CA TRP C 288 -22.06 -41.67 -4.79
C TRP C 288 -22.88 -42.34 -5.94
N GLN C 289 -24.17 -42.04 -6.03
CA GLN C 289 -25.02 -42.61 -7.10
C GLN C 289 -24.46 -42.32 -8.47
N LEU C 290 -23.80 -41.16 -8.65
CA LEU C 290 -23.27 -40.77 -9.96
C LEU C 290 -22.18 -41.73 -10.38
N ILE C 291 -21.46 -42.26 -9.40
CA ILE C 291 -20.42 -43.25 -9.64
C ILE C 291 -21.04 -44.64 -9.77
N ALA C 292 -21.86 -45.01 -8.79
CA ALA C 292 -22.46 -46.35 -8.73
C ALA C 292 -23.18 -46.67 -10.04
N ARG C 293 -23.92 -45.69 -10.55
CA ARG C 293 -24.71 -45.95 -11.75
C ARG C 293 -23.88 -46.12 -13.02
N ARG C 294 -22.66 -45.57 -13.03
CA ARG C 294 -21.74 -45.72 -14.19
C ARG C 294 -20.84 -46.94 -14.16
N ILE C 295 -20.82 -47.65 -13.03
CA ILE C 295 -19.95 -48.82 -12.83
C ILE C 295 -19.99 -49.85 -13.99
N PRO C 296 -21.18 -50.14 -14.56
CA PRO C 296 -21.24 -51.14 -15.66
C PRO C 296 -20.46 -50.74 -16.94
N ASP C 297 -20.10 -49.46 -17.07
CA ASP C 297 -19.38 -48.95 -18.25
C ASP C 297 -17.86 -49.04 -18.05
N VAL C 298 -17.21 -49.91 -18.82
CA VAL C 298 -15.76 -50.07 -18.73
C VAL C 298 -14.98 -48.78 -19.04
N GLN C 299 -15.50 -47.93 -19.94
CA GLN C 299 -14.84 -46.66 -20.25
CA GLN C 299 -14.79 -46.69 -20.24
C GLN C 299 -14.80 -45.78 -19.04
N PHE C 300 -15.94 -45.75 -18.33
CA PHE C 300 -15.99 -44.97 -17.08
C PHE C 300 -15.00 -45.53 -16.06
N GLN C 301 -14.96 -46.86 -15.90
CA GLN C 301 -14.04 -47.45 -14.89
C GLN C 301 -12.58 -47.12 -15.22
N ASN C 302 -12.24 -47.17 -16.50
CA ASN C 302 -10.86 -46.87 -16.92
C ASN C 302 -10.50 -45.39 -16.64
N ALA C 303 -11.41 -44.48 -16.95
CA ALA C 303 -11.19 -43.05 -16.67
C ALA C 303 -11.06 -42.81 -15.14
N PHE C 304 -12.01 -43.37 -14.38
CA PHE C 304 -12.05 -43.23 -12.91
C PHE C 304 -10.76 -43.72 -12.25
N LEU C 305 -10.35 -44.93 -12.60
CA LEU C 305 -9.19 -45.57 -11.96
C LEU C 305 -7.88 -44.93 -12.38
N THR C 306 -7.77 -44.55 -13.67
CA THR C 306 -6.61 -43.81 -14.14
C THR C 306 -6.50 -42.45 -13.40
N SER C 307 -7.62 -41.77 -13.28
CA SER C 307 -7.66 -40.45 -12.59
C SER C 307 -7.26 -40.58 -11.10
N LEU C 308 -7.79 -41.58 -10.43
CA LEU C 308 -7.55 -41.79 -9.00
C LEU C 308 -6.03 -42.03 -8.76
N SER C 309 -5.43 -42.86 -9.61
CA SER C 309 -4.01 -43.17 -9.46
CA SER C 309 -4.01 -43.20 -9.54
C SER C 309 -3.15 -41.94 -9.67
N GLN C 310 -3.49 -41.13 -10.66
CA GLN C 310 -2.77 -39.91 -10.96
C GLN C 310 -2.92 -38.88 -9.82
N HIS C 311 -4.15 -38.72 -9.32
CA HIS C 311 -4.42 -37.89 -8.15
C HIS C 311 -3.51 -38.25 -6.97
N PHE C 312 -3.47 -39.53 -6.63
CA PHE C 312 -2.64 -39.99 -5.53
C PHE C 312 -1.17 -39.65 -5.73
N ARG C 313 -0.64 -39.87 -6.95
CA ARG C 313 0.77 -39.51 -7.25
C ARG C 313 1.04 -38.02 -7.01
N VAL C 314 0.21 -37.14 -7.59
CA VAL C 314 0.44 -35.69 -7.41
C VAL C 314 0.18 -35.24 -5.96
N GLU C 315 -0.81 -35.83 -5.31
CA GLU C 315 -1.16 -35.50 -3.91
CA GLU C 315 -1.11 -35.40 -3.96
C GLU C 315 -0.02 -35.86 -2.98
N ARG C 316 0.59 -37.04 -3.23
CA ARG C 316 1.71 -37.51 -2.40
CA ARG C 316 1.71 -37.51 -2.40
C ARG C 316 2.94 -36.61 -2.52
N ALA C 317 3.28 -36.20 -3.74
CA ALA C 317 4.43 -35.31 -3.96
C ALA C 317 4.18 -33.96 -3.27
N TYR C 318 2.94 -33.50 -3.34
CA TYR C 318 2.54 -32.24 -2.71
C TYR C 318 2.65 -32.33 -1.17
N TYR C 319 2.03 -33.37 -0.59
CA TYR C 319 2.07 -33.57 0.86
CA TYR C 319 2.08 -33.66 0.85
C TYR C 319 3.52 -33.68 1.34
N ASP C 320 4.35 -34.43 0.62
CA ASP C 320 5.78 -34.56 0.95
C ASP C 320 6.53 -33.21 0.92
N ALA C 321 6.22 -32.38 -0.08
CA ALA C 321 6.82 -31.06 -0.19
C ALA C 321 6.40 -30.14 0.99
N ILE C 322 5.11 -30.14 1.33
CA ILE C 322 4.64 -29.38 2.50
C ILE C 322 5.40 -29.83 3.77
N TRP C 323 5.50 -31.13 3.96
CA TRP C 323 6.21 -31.69 5.11
C TRP C 323 7.67 -31.22 5.15
N GLU C 324 8.34 -31.24 4.00
CA GLU C 324 9.71 -30.74 3.92
CA GLU C 324 9.72 -30.75 3.94
C GLU C 324 9.79 -29.28 4.33
N GLU C 325 8.84 -28.47 3.84
CA GLU C 325 8.81 -27.07 4.22
C GLU C 325 8.54 -26.87 5.72
N MSE C 326 7.67 -27.71 6.28
CA MSE C 326 7.34 -27.65 7.69
C MSE C 326 8.53 -27.96 8.59
O MSE C 326 8.67 -27.35 9.66
CB MSE C 326 6.19 -28.59 8.02
CG MSE C 326 5.65 -28.39 9.44
SE MSE C 326 4.18 -29.56 9.98
CE MSE C 326 3.00 -29.13 8.48
N GLN C 327 9.34 -28.92 8.19
CA GLN C 327 10.55 -29.26 8.95
C GLN C 327 11.61 -28.16 8.91
N SER C 328 11.50 -27.26 7.94
CA SER C 328 12.49 -26.20 7.73
CA SER C 328 12.48 -26.18 7.72
C SER C 328 12.24 -24.93 8.57
N VAL C 329 11.03 -24.80 9.14
CA VAL C 329 10.66 -23.58 9.88
C VAL C 329 10.91 -23.64 11.40
NI NI D . 17.65 27.66 2.94
C1 EDO E . 19.52 8.25 0.77
O1 EDO E . 18.63 8.48 -0.34
C2 EDO E . 19.55 6.76 1.16
O2 EDO E . 18.20 6.25 1.21
NI NI F . -7.68 28.68 -2.65
C1 EDO G . -13.27 14.58 10.17
O1 EDO G . -12.15 15.27 10.70
C2 EDO G . -13.46 13.09 10.46
O2 EDO G . -12.21 12.44 10.73
C1 EDO H . -14.39 2.94 20.87
O1 EDO H . -15.82 2.83 20.82
C2 EDO H . -13.87 1.93 21.88
O2 EDO H . -14.28 0.61 21.45
C1 EDO I . -9.14 26.00 -3.26
O1 EDO I . -8.18 26.89 -3.87
C2 EDO I . -10.03 26.68 -2.22
O2 EDO I . -9.31 27.65 -1.46
NI NI J . -16.27 -27.79 2.18
C1 EDO K . -3.53 -19.01 -10.21
O1 EDO K . -4.54 -17.98 -10.26
C2 EDO K . -2.48 -18.82 -11.30
O2 EDO K . -3.09 -18.73 -12.63
C1 EDO L . -13.32 -27.77 1.37
O1 EDO L . -14.32 -26.80 1.81
C2 EDO L . -14.01 -28.99 0.74
O2 EDO L . -15.29 -29.13 1.41
C1 EDO M . -15.62 -46.95 -1.75
O1 EDO M . -16.25 -46.03 -0.87
C2 EDO M . -16.67 -47.89 -2.31
O2 EDO M . -16.84 -48.97 -1.38
#